data_6T9B
#
_entry.id   6T9B
#
_cell.length_a   43.914
_cell.length_b   44.048
_cell.length_c   103.461
_cell.angle_alpha   90.040
_cell.angle_beta   91.000
_cell.angle_gamma   119.670
#
_symmetry.space_group_name_H-M   'P 1'
#
loop_
_entity.id
_entity.type
_entity.pdbx_description
1 polymer 'Fucose-binding lectin protein'
2 non-polymer 'methyl alpha-L-fucopyranoside'
3 non-polymer GLYCINE
4 water water
#
_entity_poly.entity_id   1
_entity_poly.type   'polypeptide(L)'
_entity_poly.pdbx_seq_one_letter_code
;SSVQTAATSWGTVPSIRVYTANNGKITERCADGKGWYTGAFNEPGDNVSVTSWLVGSAIHIRVYASTGTTTTEWCWDGNG
WTKGAYTATN
;
_entity_poly.pdbx_strand_id   A,B,C,D,E,F,G,H,I
#
loop_
_chem_comp.id
_chem_comp.type
_chem_comp.name
_chem_comp.formula
MFU L-saccharide 'methyl alpha-L-fucopyranoside' 'C7 H14 O5'
#
# COMPACT_ATOMS: atom_id res chain seq x y z
N SER A 2 1.13 29.81 -4.25
CA SER A 2 0.67 31.16 -3.80
CA SER A 2 0.67 31.16 -3.80
C SER A 2 -0.72 31.04 -3.15
N VAL A 3 -0.98 31.86 -2.13
CA VAL A 3 -2.33 31.96 -1.49
C VAL A 3 -3.31 32.41 -2.57
N GLN A 4 -4.59 32.09 -2.38
CA GLN A 4 -5.68 32.47 -3.32
C GLN A 4 -6.70 33.29 -2.53
N THR A 5 -7.17 34.39 -3.12
CA THR A 5 -8.10 35.34 -2.44
C THR A 5 -9.38 35.50 -3.26
N ALA A 6 -10.44 35.88 -2.55
CA ALA A 6 -11.73 36.32 -3.11
C ALA A 6 -12.11 37.60 -2.36
N ALA A 7 -12.71 38.56 -3.05
CA ALA A 7 -13.04 39.89 -2.48
C ALA A 7 -14.48 40.23 -2.79
N THR A 8 -15.16 40.85 -1.84
CA THR A 8 -16.50 41.45 -2.02
C THR A 8 -16.51 42.79 -1.28
N SER A 9 -17.39 43.69 -1.71
CA SER A 9 -17.62 44.98 -1.03
C SER A 9 -19.09 45.36 -1.17
N TRP A 10 -19.55 46.25 -0.29
CA TRP A 10 -20.93 46.79 -0.30
C TRP A 10 -20.93 48.19 0.29
N GLY A 11 -21.98 48.95 -0.01
CA GLY A 11 -22.09 50.36 0.39
C GLY A 11 -21.07 51.23 -0.32
N THR A 12 -20.81 52.41 0.24
CA THR A 12 -20.02 53.48 -0.42
C THR A 12 -18.87 53.95 0.49
N VAL A 13 -18.83 53.50 1.75
CA VAL A 13 -17.71 53.83 2.69
C VAL A 13 -16.38 53.36 2.09
N PRO A 14 -16.21 52.10 1.61
CA PRO A 14 -17.20 51.02 1.71
C PRO A 14 -16.88 50.01 2.82
N SER A 15 -17.66 48.93 2.88
CA SER A 15 -17.30 47.68 3.60
C SER A 15 -16.66 46.72 2.61
N ILE A 16 -15.48 46.18 2.94
CA ILE A 16 -14.75 45.18 2.11
C ILE A 16 -14.51 43.94 2.96
N ARG A 17 -14.66 42.76 2.36
CA ARG A 17 -14.26 41.46 2.95
C ARG A 17 -13.33 40.76 1.95
N VAL A 18 -12.15 40.34 2.41
CA VAL A 18 -11.16 39.59 1.60
C VAL A 18 -10.96 38.23 2.26
N TYR A 19 -11.22 37.16 1.52
CA TYR A 19 -11.09 35.75 1.98
C TYR A 19 -9.80 35.19 1.37
N THR A 20 -8.94 34.60 2.21
CA THR A 20 -7.64 34.04 1.79
C THR A 20 -7.61 32.55 2.12
N ALA A 21 -7.46 31.71 1.09
CA ALA A 21 -7.17 30.26 1.23
C ALA A 21 -5.66 30.08 1.30
N ASN A 22 -5.16 29.65 2.46
CA ASN A 22 -3.71 29.49 2.77
C ASN A 22 -3.52 28.12 3.45
N ASN A 23 -2.89 27.18 2.76
CA ASN A 23 -2.49 25.86 3.33
C ASN A 23 -3.72 25.15 3.90
N GLY A 24 -4.84 25.16 3.16
CA GLY A 24 -6.08 24.43 3.50
C GLY A 24 -6.96 25.16 4.50
N LYS A 25 -6.63 26.41 4.84
CA LYS A 25 -7.38 27.25 5.80
C LYS A 25 -7.82 28.54 5.10
N ILE A 26 -9.12 28.84 5.12
CA ILE A 26 -9.69 30.13 4.62
C ILE A 26 -9.96 31.02 5.83
N THR A 27 -9.37 32.22 5.84
CA THR A 27 -9.59 33.28 6.87
C THR A 27 -10.13 34.53 6.17
N GLU A 28 -10.62 35.48 6.97
CA GLU A 28 -11.36 36.67 6.48
C GLU A 28 -10.76 37.93 7.11
N ARG A 29 -10.45 38.92 6.28
CA ARG A 29 -10.03 40.27 6.74
C ARG A 29 -11.09 41.28 6.29
N CYS A 30 -11.39 42.24 7.15
CA CYS A 30 -12.57 43.13 7.07
C CYS A 30 -12.14 44.59 7.17
N ALA A 31 -12.78 45.47 6.39
CA ALA A 31 -12.62 46.94 6.48
C ALA A 31 -14.00 47.59 6.40
N ASP A 32 -14.33 48.46 7.36
CA ASP A 32 -15.64 49.17 7.45
C ASP A 32 -15.39 50.68 7.60
N GLY A 33 -14.23 51.17 7.17
CA GLY A 33 -13.91 52.60 7.07
C GLY A 33 -12.97 53.11 8.15
N LYS A 34 -12.47 52.21 9.02
CA LYS A 34 -11.50 52.58 10.09
C LYS A 34 -10.54 51.40 10.34
N GLY A 35 -9.86 50.95 9.28
CA GLY A 35 -8.75 49.98 9.36
C GLY A 35 -9.21 48.54 9.21
N TRP A 36 -8.24 47.64 8.99
CA TRP A 36 -8.48 46.19 8.74
C TRP A 36 -8.51 45.43 10.07
N TYR A 37 -9.42 44.46 10.19
CA TYR A 37 -9.55 43.56 11.36
C TYR A 37 -9.88 42.15 10.86
N THR A 38 -9.59 41.14 11.67
CA THR A 38 -9.86 39.71 11.37
C THR A 38 -11.36 39.45 11.62
N GLY A 39 -12.03 38.84 10.63
CA GLY A 39 -13.47 38.56 10.69
C GLY A 39 -13.77 37.23 11.34
N ALA A 40 -15.05 36.96 11.58
CA ALA A 40 -15.57 35.77 12.30
C ALA A 40 -15.58 34.53 11.38
N PHE A 41 -15.27 34.66 10.09
CA PHE A 41 -15.25 33.52 9.13
C PHE A 41 -13.95 32.73 9.27
N ASN A 42 -14.07 31.41 9.47
CA ASN A 42 -12.91 30.48 9.56
C ASN A 42 -13.37 29.08 9.16
N GLU A 43 -13.00 28.62 7.96
CA GLU A 43 -13.43 27.32 7.39
C GLU A 43 -12.32 26.70 6.55
N PRO A 44 -12.26 25.36 6.44
CA PRO A 44 -11.27 24.69 5.60
C PRO A 44 -11.55 24.87 4.10
N GLY A 45 -10.49 24.90 3.30
CA GLY A 45 -10.58 25.03 1.83
C GLY A 45 -9.25 25.46 1.24
N ASP A 46 -9.01 25.09 -0.02
CA ASP A 46 -7.80 25.44 -0.81
C ASP A 46 -8.17 26.50 -1.85
N ASN A 47 -9.47 26.63 -2.16
CA ASN A 47 -10.02 27.61 -3.13
C ASN A 47 -11.24 28.29 -2.51
N VAL A 48 -11.41 29.58 -2.78
CA VAL A 48 -12.56 30.39 -2.25
C VAL A 48 -13.06 31.33 -3.35
N SER A 49 -14.38 31.46 -3.45
CA SER A 49 -15.08 32.57 -4.15
C SER A 49 -16.12 33.15 -3.20
N VAL A 50 -16.61 34.35 -3.50
CA VAL A 50 -17.58 35.05 -2.62
C VAL A 50 -18.50 35.90 -3.50
N THR A 51 -19.75 36.01 -3.07
CA THR A 51 -20.71 37.02 -3.57
C THR A 51 -21.48 37.56 -2.36
N SER A 52 -21.95 38.80 -2.46
CA SER A 52 -22.78 39.42 -1.40
C SER A 52 -23.84 40.30 -2.03
N TRP A 53 -24.92 40.56 -1.30
CA TRP A 53 -26.03 41.43 -1.75
C TRP A 53 -26.67 42.08 -0.52
N LEU A 54 -27.23 43.26 -0.71
CA LEU A 54 -27.99 44.01 0.31
C LEU A 54 -29.48 43.75 0.10
N VAL A 55 -30.20 43.47 1.19
CA VAL A 55 -31.69 43.51 1.23
C VAL A 55 -32.05 44.71 2.11
N GLY A 56 -32.39 45.83 1.48
CA GLY A 56 -32.37 47.16 2.13
C GLY A 56 -30.96 47.45 2.63
N SER A 57 -30.79 47.58 3.94
CA SER A 57 -29.50 47.92 4.60
C SER A 57 -28.83 46.69 5.21
N ALA A 58 -29.42 45.51 5.05
CA ALA A 58 -28.93 44.23 5.61
C ALA A 58 -28.01 43.54 4.58
N ILE A 59 -26.77 43.22 4.97
CA ILE A 59 -25.80 42.51 4.08
C ILE A 59 -25.97 41.00 4.25
N HIS A 60 -25.93 40.28 3.13
CA HIS A 60 -25.88 38.80 3.06
C HIS A 60 -24.63 38.41 2.27
N ILE A 61 -23.84 37.47 2.79
CA ILE A 61 -22.59 36.99 2.13
C ILE A 61 -22.72 35.49 1.92
N ARG A 62 -22.26 35.01 0.76
CA ARG A 62 -22.10 33.56 0.47
C ARG A 62 -20.65 33.32 0.06
N VAL A 63 -19.96 32.48 0.82
CA VAL A 63 -18.55 32.07 0.58
C VAL A 63 -18.56 30.60 0.14
N TYR A 64 -17.90 30.30 -0.99
CA TYR A 64 -17.82 28.95 -1.58
C TYR A 64 -16.39 28.44 -1.38
N ALA A 65 -16.23 27.50 -0.44
CA ALA A 65 -14.95 26.91 -0.02
C ALA A 65 -14.81 25.52 -0.64
N SER A 66 -13.73 25.27 -1.38
CA SER A 66 -13.51 24.01 -2.11
C SER A 66 -12.29 23.27 -1.56
N THR A 67 -12.47 21.97 -1.28
CA THR A 67 -11.41 20.97 -1.02
C THR A 67 -11.59 19.83 -2.03
N GLY A 68 -10.55 19.53 -2.84
CA GLY A 68 -10.70 18.60 -3.97
C GLY A 68 -11.86 19.04 -4.84
N THR A 69 -12.88 18.19 -5.01
CA THR A 69 -14.06 18.46 -5.87
C THR A 69 -15.30 18.76 -5.02
N THR A 70 -15.15 18.94 -3.71
CA THR A 70 -16.27 19.25 -2.76
C THR A 70 -16.26 20.74 -2.42
N THR A 71 -17.31 21.46 -2.82
CA THR A 71 -17.55 22.89 -2.53
C THR A 71 -18.63 23.02 -1.46
N THR A 72 -18.30 23.67 -0.34
CA THR A 72 -19.23 23.97 0.79
C THR A 72 -19.56 25.46 0.76
N GLU A 73 -20.86 25.80 0.87
CA GLU A 73 -21.35 27.20 0.92
C GLU A 73 -21.53 27.60 2.38
N TRP A 74 -20.98 28.76 2.75
CA TRP A 74 -21.13 29.37 4.10
C TRP A 74 -21.89 30.69 3.96
N CYS A 75 -22.85 30.91 4.87
CA CYS A 75 -23.89 31.96 4.77
C CYS A 75 -23.77 32.93 5.94
N TRP A 76 -23.59 34.21 5.65
CA TRP A 76 -23.74 35.32 6.64
C TRP A 76 -25.06 36.04 6.35
N ASP A 77 -25.94 36.17 7.35
CA ASP A 77 -27.26 36.82 7.22
C ASP A 77 -27.53 37.70 8.45
N GLY A 78 -26.47 38.21 9.07
CA GLY A 78 -26.53 39.27 10.11
C GLY A 78 -26.10 38.78 11.48
N ASN A 79 -26.10 37.46 11.72
CA ASN A 79 -25.96 36.87 13.09
C ASN A 79 -24.70 35.99 13.16
N GLY A 80 -24.47 35.12 12.18
CA GLY A 80 -23.34 34.16 12.21
C GLY A 80 -23.22 33.38 10.92
N TRP A 81 -22.09 32.66 10.75
CA TRP A 81 -21.79 31.84 9.55
C TRP A 81 -22.40 30.46 9.69
N THR A 82 -23.34 30.12 8.80
CA THR A 82 -24.11 28.85 8.83
C THR A 82 -23.91 28.10 7.50
N LYS A 83 -24.02 26.77 7.55
CA LYS A 83 -23.94 25.87 6.36
C LYS A 83 -25.10 26.18 5.40
N GLY A 84 -24.77 26.42 4.13
CA GLY A 84 -25.76 26.66 3.06
C GLY A 84 -26.15 25.38 2.35
N ALA A 85 -27.20 25.44 1.54
CA ALA A 85 -27.79 24.28 0.83
C ALA A 85 -27.03 23.96 -0.46
N TYR A 86 -26.10 24.82 -0.90
CA TYR A 86 -25.36 24.64 -2.19
C TYR A 86 -24.78 23.23 -2.28
N THR A 87 -24.98 22.58 -3.43
CA THR A 87 -24.26 21.34 -3.82
C THR A 87 -23.87 21.43 -5.30
N ALA A 88 -22.92 20.60 -5.74
CA ALA A 88 -22.53 20.41 -7.15
C ALA A 88 -22.15 18.94 -7.37
N SER B 1 -5.38 19.81 -8.10
CA SER B 1 -5.42 19.68 -6.62
C SER B 1 -6.86 19.87 -6.12
N SER B 2 -7.43 21.07 -6.29
CA SER B 2 -8.82 21.42 -5.94
C SER B 2 -9.49 22.13 -7.13
N VAL B 3 -10.82 22.05 -7.20
CA VAL B 3 -11.62 22.81 -8.21
C VAL B 3 -11.49 24.29 -7.90
N GLN B 4 -11.81 25.14 -8.88
CA GLN B 4 -11.73 26.63 -8.76
C GLN B 4 -13.11 27.19 -9.12
N THR B 5 -13.68 28.03 -8.26
CA THR B 5 -15.06 28.55 -8.43
C THR B 5 -15.05 30.07 -8.59
N ALA B 6 -16.14 30.58 -9.19
CA ALA B 6 -16.47 32.02 -9.31
C ALA B 6 -17.96 32.16 -9.05
N ALA B 7 -18.37 33.26 -8.41
CA ALA B 7 -19.76 33.46 -7.94
C ALA B 7 -20.22 34.87 -8.28
N THR B 8 -21.48 35.00 -8.67
CA THR B 8 -22.17 36.29 -8.86
C THR B 8 -23.61 36.14 -8.35
N SER B 9 -24.22 37.26 -7.97
CA SER B 9 -25.60 37.29 -7.43
C SER B 9 -26.25 38.60 -7.86
N TRP B 10 -27.58 38.65 -7.88
CA TRP B 10 -28.34 39.87 -8.24
C TRP B 10 -29.71 39.88 -7.57
N GLY B 11 -30.22 41.08 -7.32
CA GLY B 11 -31.52 41.31 -6.67
C GLY B 11 -31.49 40.91 -5.21
N THR B 12 -32.67 40.91 -4.57
CA THR B 12 -32.82 40.72 -3.11
C THR B 12 -33.25 39.30 -2.76
N VAL B 13 -33.67 38.50 -3.74
CA VAL B 13 -34.22 37.13 -3.50
C VAL B 13 -33.19 36.27 -2.75
N PRO B 14 -31.92 36.15 -3.20
CA PRO B 14 -31.44 36.61 -4.51
C PRO B 14 -31.43 35.50 -5.58
N SER B 15 -30.91 35.84 -6.76
CA SER B 15 -30.40 34.86 -7.75
C SER B 15 -28.89 34.76 -7.57
N ILE B 16 -28.35 33.53 -7.53
CA ILE B 16 -26.90 33.25 -7.42
C ILE B 16 -26.51 32.33 -8.58
N ARG B 17 -25.35 32.56 -9.18
CA ARG B 17 -24.72 31.63 -10.15
C ARG B 17 -23.31 31.32 -9.65
N VAL B 18 -22.97 30.04 -9.52
CA VAL B 18 -21.62 29.54 -9.13
C VAL B 18 -21.06 28.74 -10.29
N TYR B 19 -19.89 29.14 -10.80
CA TYR B 19 -19.15 28.48 -11.91
C TYR B 19 -17.98 27.70 -11.30
N THR B 20 -17.82 26.44 -11.69
CA THR B 20 -16.74 25.54 -11.19
C THR B 20 -15.91 25.04 -12.36
N ALA B 21 -14.61 25.36 -12.36
CA ALA B 21 -13.58 24.76 -13.25
C ALA B 21 -13.09 23.46 -12.60
N ASN B 22 -13.37 22.32 -13.23
CA ASN B 22 -13.06 20.97 -12.71
C ASN B 22 -12.41 20.15 -13.83
N ASN B 23 -11.11 19.87 -13.72
CA ASN B 23 -10.34 19.05 -14.69
C ASN B 23 -10.66 19.51 -16.12
N GLY B 24 -10.57 20.83 -16.37
CA GLY B 24 -10.63 21.43 -17.72
C GLY B 24 -12.06 21.69 -18.20
N LYS B 25 -13.07 21.49 -17.36
CA LYS B 25 -14.50 21.73 -17.71
C LYS B 25 -15.12 22.72 -16.71
N ILE B 26 -15.81 23.74 -17.22
CA ILE B 26 -16.56 24.72 -16.39
C ILE B 26 -18.06 24.41 -16.51
N THR B 27 -18.71 24.19 -15.37
CA THR B 27 -20.17 23.99 -15.26
C THR B 27 -20.75 25.08 -14.34
N GLU B 28 -22.06 25.20 -14.31
CA GLU B 28 -22.79 26.31 -13.64
C GLU B 28 -23.91 25.72 -12.76
N ARG B 29 -23.95 26.16 -11.50
CA ARG B 29 -25.05 25.84 -10.55
C ARG B 29 -25.80 27.15 -10.25
N CYS B 30 -27.11 27.07 -10.11
CA CYS B 30 -28.04 28.23 -10.09
C CYS B 30 -29.01 28.11 -8.92
N ALA B 31 -29.30 29.23 -8.26
CA ALA B 31 -30.40 29.37 -7.27
C ALA B 31 -31.19 30.64 -7.62
N ASP B 32 -32.53 30.54 -7.60
CA ASP B 32 -33.45 31.66 -7.92
C ASP B 32 -34.53 31.78 -6.82
N GLY B 33 -34.20 31.38 -5.59
CA GLY B 33 -35.06 31.53 -4.41
C GLY B 33 -35.77 30.26 -4.02
N LYS B 34 -35.48 29.16 -4.72
CA LYS B 34 -35.88 27.77 -4.32
C LYS B 34 -34.59 26.98 -4.07
N GLY B 35 -34.44 25.81 -4.69
CA GLY B 35 -33.25 24.97 -4.57
C GLY B 35 -32.23 25.27 -5.67
N TRP B 36 -31.12 24.53 -5.65
CA TRP B 36 -30.03 24.63 -6.66
C TRP B 36 -30.35 23.73 -7.86
N TYR B 37 -30.02 24.19 -9.07
CA TYR B 37 -30.14 23.41 -10.33
C TYR B 37 -28.93 23.69 -11.21
N THR B 38 -28.71 22.82 -12.21
CA THR B 38 -27.57 22.92 -13.17
C THR B 38 -28.01 23.83 -14.33
N GLY B 39 -27.25 24.91 -14.55
CA GLY B 39 -27.55 25.92 -15.58
C GLY B 39 -27.07 25.50 -16.95
N ALA B 40 -27.39 26.31 -17.97
CA ALA B 40 -27.10 26.05 -19.39
C ALA B 40 -25.60 26.21 -19.71
N PHE B 41 -24.84 26.94 -18.89
CA PHE B 41 -23.41 27.22 -19.19
C PHE B 41 -22.58 25.94 -19.04
N ASN B 42 -21.94 25.53 -20.13
CA ASN B 42 -20.94 24.42 -20.13
C ASN B 42 -19.91 24.70 -21.23
N GLU B 43 -18.68 25.08 -20.84
CA GLU B 43 -17.57 25.41 -21.76
C GLU B 43 -16.25 24.94 -21.15
N PRO B 44 -15.22 24.65 -21.98
CA PRO B 44 -13.90 24.27 -21.46
C PRO B 44 -13.20 25.42 -20.70
N GLY B 45 -12.38 25.07 -19.73
CA GLY B 45 -11.54 26.03 -18.99
C GLY B 45 -10.97 25.41 -17.72
N ASP B 46 -9.76 25.82 -17.35
CA ASP B 46 -9.09 25.45 -16.08
C ASP B 46 -9.29 26.57 -15.05
N ASN B 47 -9.66 27.77 -15.50
CA ASN B 47 -9.88 28.96 -14.63
C ASN B 47 -11.14 29.69 -15.11
N VAL B 48 -11.92 30.21 -14.16
CA VAL B 48 -13.17 30.97 -14.46
C VAL B 48 -13.24 32.19 -13.52
N SER B 49 -13.64 33.34 -14.08
CA SER B 49 -14.14 34.51 -13.32
C SER B 49 -15.48 34.93 -13.94
N VAL B 50 -16.26 35.69 -13.20
CA VAL B 50 -17.62 36.14 -13.63
C VAL B 50 -17.90 37.53 -13.08
N THR B 51 -18.63 38.32 -13.86
CA THR B 51 -19.29 39.55 -13.40
C THR B 51 -20.68 39.60 -14.04
N SER B 52 -21.60 40.33 -13.43
CA SER B 52 -22.98 40.49 -13.92
C SER B 52 -23.51 41.88 -13.54
N TRP B 53 -24.46 42.37 -14.32
CA TRP B 53 -25.17 43.65 -14.05
C TRP B 53 -26.63 43.51 -14.52
N LEU B 54 -27.52 44.26 -13.89
CA LEU B 54 -28.94 44.34 -14.26
C LEU B 54 -29.16 45.53 -15.19
N VAL B 55 -29.95 45.33 -16.23
CA VAL B 55 -30.66 46.42 -16.98
C VAL B 55 -32.14 46.25 -16.65
N GLY B 56 -32.67 47.08 -15.75
CA GLY B 56 -33.99 46.86 -15.13
C GLY B 56 -34.02 45.56 -14.35
N SER B 57 -34.80 44.58 -14.81
CA SER B 57 -34.92 43.23 -14.19
C SER B 57 -34.15 42.18 -15.00
N ALA B 58 -33.52 42.57 -16.11
CA ALA B 58 -32.81 41.68 -17.06
C ALA B 58 -31.34 41.52 -16.65
N ILE B 59 -30.94 40.30 -16.27
CA ILE B 59 -29.52 40.01 -15.88
C ILE B 59 -28.68 39.87 -17.15
N HIS B 60 -27.46 40.40 -17.10
CA HIS B 60 -26.40 40.21 -18.12
C HIS B 60 -25.18 39.64 -17.39
N ILE B 61 -24.68 38.48 -17.83
CA ILE B 61 -23.54 37.79 -17.19
C ILE B 61 -22.40 37.69 -18.22
N ARG B 62 -21.17 37.96 -17.77
CA ARG B 62 -19.94 37.73 -18.57
C ARG B 62 -19.07 36.75 -17.78
N VAL B 63 -18.80 35.59 -18.37
CA VAL B 63 -17.92 34.53 -17.79
C VAL B 63 -16.63 34.52 -18.61
N TYR B 64 -15.48 34.60 -17.93
CA TYR B 64 -14.13 34.57 -18.53
C TYR B 64 -13.51 33.20 -18.24
N ALA B 65 -13.46 32.35 -19.27
CA ALA B 65 -12.94 30.96 -19.22
C ALA B 65 -11.54 30.93 -19.83
N SER B 66 -10.55 30.44 -19.07
CA SER B 66 -9.13 30.42 -19.49
C SER B 66 -8.61 28.98 -19.61
N THR B 67 -7.93 28.69 -20.73
CA THR B 67 -7.12 27.48 -20.98
C THR B 67 -5.74 27.93 -21.46
N GLY B 68 -4.68 27.59 -20.72
CA GLY B 68 -3.33 28.11 -20.97
C GLY B 68 -3.32 29.63 -20.87
N THR B 69 -2.96 30.32 -21.96
CA THR B 69 -2.89 31.80 -22.04
C THR B 69 -4.07 32.36 -22.86
N THR B 70 -5.07 31.53 -23.17
CA THR B 70 -6.26 31.92 -24.00
C THR B 70 -7.49 32.07 -23.10
N THR B 71 -7.99 33.30 -22.95
CA THR B 71 -9.23 33.64 -22.20
C THR B 71 -10.36 33.90 -23.21
N THR B 72 -11.46 33.16 -23.07
CA THR B 72 -12.70 33.33 -23.89
C THR B 72 -13.78 33.94 -22.99
N GLU B 73 -14.41 35.01 -23.45
CA GLU B 73 -15.58 35.64 -22.79
C GLU B 73 -16.86 35.00 -23.32
N TRP B 74 -17.76 34.62 -22.41
CA TRP B 74 -19.10 34.06 -22.73
C TRP B 74 -20.16 34.99 -22.16
N CYS B 75 -21.22 35.25 -22.94
CA CYS B 75 -22.22 36.32 -22.70
C CYS B 75 -23.59 35.69 -22.53
N TRP B 76 -24.24 35.95 -21.39
CA TRP B 76 -25.69 35.68 -21.18
C TRP B 76 -26.43 37.01 -21.22
N ASP B 77 -27.43 37.13 -22.08
CA ASP B 77 -28.28 38.35 -22.23
C ASP B 77 -29.74 37.92 -22.40
N GLY B 78 -30.11 36.77 -21.82
CA GLY B 78 -31.51 36.32 -21.66
C GLY B 78 -31.90 35.17 -22.58
N ASN B 79 -31.12 34.90 -23.64
CA ASN B 79 -31.55 34.00 -24.75
C ASN B 79 -30.63 32.80 -24.91
N GLY B 80 -29.34 32.94 -24.59
CA GLY B 80 -28.36 31.85 -24.72
C GLY B 80 -26.95 32.36 -24.54
N TRP B 81 -25.97 31.47 -24.40
CA TRP B 81 -24.54 31.83 -24.18
C TRP B 81 -23.85 32.03 -25.53
N THR B 82 -23.38 33.26 -25.79
CA THR B 82 -22.66 33.64 -27.04
C THR B 82 -21.21 34.03 -26.71
N LYS B 83 -20.27 33.77 -27.62
CA LYS B 83 -18.86 34.22 -27.47
C LYS B 83 -18.83 35.75 -27.56
N GLY B 84 -18.14 36.41 -26.64
CA GLY B 84 -18.02 37.88 -26.57
C GLY B 84 -16.78 38.38 -27.28
N ALA B 85 -16.66 39.71 -27.40
CA ALA B 85 -15.59 40.38 -28.17
C ALA B 85 -14.27 40.42 -27.37
N TYR B 86 -14.28 40.08 -26.08
CA TYR B 86 -13.07 40.14 -25.21
C TYR B 86 -11.89 39.46 -25.92
N THR B 87 -10.75 40.16 -25.95
CA THR B 87 -9.42 39.59 -26.31
C THR B 87 -8.39 40.09 -25.29
N ALA B 88 -7.27 39.36 -25.15
CA ALA B 88 -6.10 39.72 -24.33
C ALA B 88 -4.83 39.10 -24.94
N SER C 2 -2.93 27.24 -16.19
CA SER C 2 -3.53 28.32 -17.05
C SER C 2 -3.26 29.69 -16.40
N VAL C 3 -3.57 30.77 -17.13
CA VAL C 3 -3.67 32.14 -16.55
C VAL C 3 -4.85 32.16 -15.58
N GLN C 4 -4.85 33.11 -14.64
CA GLN C 4 -5.90 33.30 -13.61
C GLN C 4 -6.51 34.68 -13.79
N THR C 5 -7.84 34.78 -13.84
CA THR C 5 -8.53 36.08 -14.06
C THR C 5 -9.45 36.44 -12.89
N ALA C 6 -9.79 37.72 -12.81
CA ALA C 6 -10.77 38.32 -11.90
C ALA C 6 -11.50 39.42 -12.68
N ALA C 7 -12.79 39.60 -12.44
CA ALA C 7 -13.64 40.56 -13.19
C ALA C 7 -14.46 41.39 -12.23
N THR C 8 -14.64 42.67 -12.57
CA THR C 8 -15.60 43.59 -11.91
C THR C 8 -16.31 44.40 -13.00
N SER C 9 -17.50 44.91 -12.68
CA SER C 9 -18.29 45.77 -13.59
C SER C 9 -19.09 46.77 -12.75
N TRP C 10 -19.52 47.86 -13.39
CA TRP C 10 -20.36 48.90 -12.73
C TRP C 10 -21.24 49.60 -13.77
N GLY C 11 -22.34 50.18 -13.28
CA GLY C 11 -23.37 50.84 -14.11
C GLY C 11 -24.09 49.83 -14.99
N THR C 12 -24.73 50.30 -16.06
CA THR C 12 -25.63 49.52 -16.95
C THR C 12 -25.13 49.52 -18.39
N VAL C 13 -24.05 50.25 -18.71
CA VAL C 13 -23.50 50.35 -20.09
C VAL C 13 -23.08 48.95 -20.57
N PRO C 14 -22.31 48.14 -19.81
CA PRO C 14 -21.64 48.56 -18.58
C PRO C 14 -20.16 48.95 -18.80
N SER C 15 -19.47 49.28 -17.72
CA SER C 15 -17.98 49.27 -17.64
C SER C 15 -17.56 47.92 -17.06
N ILE C 16 -16.62 47.23 -17.71
CA ILE C 16 -16.02 45.95 -17.23
C ILE C 16 -14.51 46.14 -17.13
N ARG C 17 -13.90 45.56 -16.10
CA ARG C 17 -12.43 45.43 -15.96
C ARG C 17 -12.13 43.96 -15.70
N VAL C 18 -11.27 43.36 -16.53
CA VAL C 18 -10.79 41.95 -16.39
C VAL C 18 -9.29 42.00 -16.10
N TYR C 19 -8.88 41.40 -14.99
CA TYR C 19 -7.47 41.30 -14.53
C TYR C 19 -6.98 39.88 -14.81
N THR C 20 -5.80 39.76 -15.42
CA THR C 20 -5.18 38.47 -15.77
C THR C 20 -3.81 38.37 -15.08
N ALA C 21 -3.63 37.36 -14.23
CA ALA C 21 -2.33 36.97 -13.65
C ALA C 21 -1.67 35.97 -14.61
N ASN C 22 -0.50 36.31 -15.14
CA ASN C 22 0.23 35.53 -16.17
C ASN C 22 1.73 35.79 -16.01
N ASN C 23 2.52 34.73 -15.78
CA ASN C 23 4.00 34.80 -15.73
C ASN C 23 4.42 35.82 -14.67
N GLY C 24 3.71 35.83 -13.53
CA GLY C 24 4.04 36.64 -12.34
C GLY C 24 3.58 38.08 -12.44
N LYS C 25 2.82 38.43 -13.48
CA LYS C 25 2.39 39.83 -13.75
C LYS C 25 0.86 39.87 -13.92
N ILE C 26 0.22 40.86 -13.32
CA ILE C 26 -1.24 41.12 -13.50
C ILE C 26 -1.40 42.31 -14.44
N THR C 27 -2.17 42.14 -15.51
CA THR C 27 -2.52 43.19 -16.48
C THR C 27 -4.04 43.32 -16.52
N GLU C 28 -4.54 44.38 -17.17
CA GLU C 28 -5.96 44.81 -17.09
C GLU C 28 -6.46 45.07 -18.50
N ARG C 29 -7.63 44.51 -18.85
CA ARG C 29 -8.38 44.82 -20.09
C ARG C 29 -9.71 45.46 -19.70
N CYS C 30 -10.15 46.44 -20.49
CA CYS C 30 -11.25 47.38 -20.15
C CYS C 30 -12.24 47.47 -21.30
N ALA C 31 -13.53 47.57 -20.99
CA ALA C 31 -14.60 47.94 -21.94
C ALA C 31 -15.55 48.92 -21.25
N ASP C 32 -15.98 49.96 -21.98
CA ASP C 32 -16.92 51.01 -21.48
C ASP C 32 -18.01 51.27 -22.52
N GLY C 33 -18.41 50.24 -23.29
CA GLY C 33 -19.55 50.31 -24.22
C GLY C 33 -19.12 50.20 -25.68
N LYS C 34 -17.82 50.24 -25.97
CA LYS C 34 -17.28 50.06 -27.33
C LYS C 34 -16.33 48.85 -27.29
N GLY C 35 -15.14 48.95 -27.91
CA GLY C 35 -14.17 47.85 -27.96
C GLY C 35 -13.39 47.72 -26.67
N TRP C 36 -12.60 46.65 -26.56
CA TRP C 36 -11.69 46.40 -25.42
C TRP C 36 -10.39 47.18 -25.62
N TYR C 37 -9.82 47.69 -24.53
CA TYR C 37 -8.53 48.42 -24.52
C TYR C 37 -7.74 47.99 -23.27
N THR C 38 -6.43 48.19 -23.30
CA THR C 38 -5.50 47.81 -22.21
C THR C 38 -5.54 48.92 -21.14
N GLY C 39 -5.76 48.54 -19.89
CA GLY C 39 -5.86 49.46 -18.75
C GLY C 39 -4.50 49.83 -18.18
N ALA C 40 -4.48 50.77 -17.24
CA ALA C 40 -3.26 51.32 -16.61
C ALA C 40 -2.65 50.31 -15.63
N PHE C 41 -3.43 49.36 -15.10
CA PHE C 41 -2.95 48.45 -14.02
C PHE C 41 -1.89 47.49 -14.56
N ASN C 42 -0.70 47.52 -13.95
CA ASN C 42 0.39 46.55 -14.24
C ASN C 42 1.24 46.41 -12.97
N GLU C 43 0.94 45.40 -12.14
CA GLU C 43 1.70 45.08 -10.90
C GLU C 43 1.89 43.58 -10.80
N PRO C 44 2.91 43.10 -10.04
CA PRO C 44 3.15 41.66 -9.93
C PRO C 44 2.05 40.88 -9.20
N GLY C 45 1.86 39.61 -9.59
CA GLY C 45 0.97 38.67 -8.91
C GLY C 45 0.81 37.37 -9.68
N ASP C 46 0.64 36.27 -8.96
CA ASP C 46 0.29 34.92 -9.51
C ASP C 46 -1.21 34.68 -9.35
N ASN C 47 -1.84 35.31 -8.36
CA ASN C 47 -3.28 35.19 -8.05
C ASN C 47 -3.86 36.60 -7.93
N VAL C 48 -5.11 36.79 -8.36
CA VAL C 48 -5.78 38.12 -8.36
C VAL C 48 -7.25 37.96 -7.98
N SER C 49 -7.74 38.87 -7.13
CA SER C 49 -9.18 39.13 -6.91
C SER C 49 -9.41 40.63 -6.98
N VAL C 50 -10.66 41.04 -7.22
CA VAL C 50 -11.02 42.47 -7.40
C VAL C 50 -12.42 42.70 -6.87
N THR C 51 -12.66 43.90 -6.35
CA THR C 51 -14.01 44.43 -6.04
C THR C 51 -13.98 45.92 -6.38
N SER C 52 -15.15 46.50 -6.65
CA SER C 52 -15.28 47.93 -7.00
C SER C 52 -16.59 48.46 -6.45
N TRP C 53 -16.66 49.78 -6.24
CA TRP C 53 -17.87 50.50 -5.77
C TRP C 53 -17.86 51.90 -6.35
N LEU C 54 -19.05 52.45 -6.59
CA LEU C 54 -19.24 53.84 -7.08
C LEU C 54 -19.46 54.77 -5.89
N VAL C 55 -18.72 55.88 -5.85
CA VAL C 55 -18.99 57.06 -4.98
C VAL C 55 -19.54 58.14 -5.91
N GLY C 56 -20.87 58.22 -6.04
CA GLY C 56 -21.54 58.98 -7.12
C GLY C 56 -21.17 58.44 -8.48
N SER C 57 -20.44 59.23 -9.28
CA SER C 57 -20.00 58.88 -10.67
C SER C 57 -18.59 58.30 -10.66
N ALA C 58 -17.86 58.41 -9.53
CA ALA C 58 -16.43 58.05 -9.40
C ALA C 58 -16.31 56.56 -9.04
N ILE C 59 -15.67 55.76 -9.90
CA ILE C 59 -15.39 54.33 -9.60
C ILE C 59 -14.15 54.24 -8.70
N HIS C 60 -14.20 53.37 -7.70
CA HIS C 60 -13.05 52.97 -6.85
C HIS C 60 -12.86 51.46 -7.01
N ILE C 61 -11.63 51.04 -7.28
CA ILE C 61 -11.31 49.60 -7.51
C ILE C 61 -10.25 49.19 -6.50
N ARG C 62 -10.41 48.01 -5.91
CA ARG C 62 -9.38 47.36 -5.07
C ARG C 62 -9.02 46.03 -5.72
N VAL C 63 -7.75 45.87 -6.12
CA VAL C 63 -7.17 44.62 -6.69
C VAL C 63 -6.28 44.01 -5.61
N TYR C 64 -6.50 42.74 -5.30
CA TYR C 64 -5.70 41.97 -4.30
C TYR C 64 -4.80 41.02 -5.07
N ALA C 65 -3.50 41.36 -5.14
CA ALA C 65 -2.45 40.64 -5.89
C ALA C 65 -1.66 39.78 -4.90
N SER C 66 -1.62 38.46 -5.13
CA SER C 66 -0.92 37.50 -4.24
C SER C 66 0.27 36.87 -4.97
N THR C 67 1.45 36.93 -4.33
CA THR C 67 2.68 36.18 -4.70
C THR C 67 3.17 35.47 -3.44
N GLY C 68 3.31 34.14 -3.49
CA GLY C 68 3.55 33.33 -2.28
C GLY C 68 2.46 33.59 -1.26
N THR C 69 2.83 33.92 -0.02
CA THR C 69 1.88 34.17 1.10
C THR C 69 1.68 35.67 1.32
N THR C 70 2.17 36.53 0.41
CA THR C 70 2.05 38.01 0.51
C THR C 70 0.98 38.50 -0.48
N THR C 71 -0.08 39.12 0.05
CA THR C 71 -1.16 39.77 -0.72
C THR C 71 -1.00 41.28 -0.59
N THR C 72 -0.84 41.97 -1.73
CA THR C 72 -0.74 43.45 -1.82
C THR C 72 -2.05 43.99 -2.39
N GLU C 73 -2.65 44.96 -1.72
CA GLU C 73 -3.86 45.67 -2.20
C GLU C 73 -3.44 46.84 -3.08
N TRP C 74 -4.02 46.94 -4.28
CA TRP C 74 -3.81 48.07 -5.23
C TRP C 74 -5.11 48.84 -5.37
N CYS C 75 -5.02 50.17 -5.30
CA CYS C 75 -6.17 51.09 -5.17
C CYS C 75 -6.26 52.00 -6.39
N TRP C 76 -7.37 51.96 -7.11
CA TRP C 76 -7.72 52.97 -8.13
C TRP C 76 -8.79 53.91 -7.56
N ASP C 77 -8.48 55.20 -7.50
CA ASP C 77 -9.39 56.26 -6.98
C ASP C 77 -9.40 57.43 -7.97
N GLY C 78 -9.12 57.15 -9.25
CA GLY C 78 -9.29 58.10 -10.37
C GLY C 78 -7.99 58.64 -10.93
N ASN C 79 -6.86 58.55 -10.21
CA ASN C 79 -5.63 59.31 -10.52
C ASN C 79 -4.41 58.40 -10.73
N GLY C 80 -4.45 57.15 -10.28
CA GLY C 80 -3.33 56.20 -10.41
C GLY C 80 -3.50 55.01 -9.49
N TRP C 81 -2.76 53.94 -9.75
CA TRP C 81 -2.79 52.69 -8.93
C TRP C 81 -1.76 52.80 -7.81
N THR C 82 -2.22 52.89 -6.56
CA THR C 82 -1.38 53.07 -5.35
C THR C 82 -1.58 51.91 -4.39
N LYS C 83 -0.56 51.60 -3.59
CA LYS C 83 -0.61 50.51 -2.58
C LYS C 83 -1.58 50.91 -1.47
N GLY C 84 -2.47 49.99 -1.08
CA GLY C 84 -3.41 50.17 0.04
C GLY C 84 -2.84 49.66 1.35
N ALA C 85 -3.61 49.81 2.43
CA ALA C 85 -3.20 49.46 3.80
C ALA C 85 -3.59 48.02 4.16
N TYR C 86 -4.14 47.23 3.22
CA TYR C 86 -4.56 45.83 3.48
C TYR C 86 -3.35 45.02 3.97
N THR C 87 -3.56 44.21 5.02
CA THR C 87 -2.68 43.09 5.43
C THR C 87 -3.54 41.88 5.78
N ALA C 88 -2.95 40.69 5.71
CA ALA C 88 -3.62 39.39 5.96
C ALA C 88 -3.58 39.06 7.46
N SER D 2 2.21 -19.70 -3.51
CA SER D 2 0.78 -19.52 -3.11
C SER D 2 0.04 -18.71 -4.18
N VAL D 3 -1.30 -18.76 -4.16
CA VAL D 3 -2.15 -17.78 -4.91
C VAL D 3 -1.78 -16.39 -4.42
N GLN D 4 -2.05 -15.37 -5.25
CA GLN D 4 -1.74 -13.94 -4.97
CA GLN D 4 -1.73 -13.96 -4.92
C GLN D 4 -3.04 -13.16 -4.91
N THR D 5 -3.29 -12.40 -3.85
CA THR D 5 -4.55 -11.62 -3.71
C THR D 5 -4.27 -10.11 -3.64
N ALA D 6 -5.31 -9.35 -3.99
CA ALA D 6 -5.42 -7.88 -3.82
C ALA D 6 -6.82 -7.59 -3.28
N ALA D 7 -6.96 -6.61 -2.40
CA ALA D 7 -8.22 -6.28 -1.70
C ALA D 7 -8.50 -4.79 -1.79
N THR D 8 -9.77 -4.44 -1.94
CA THR D 8 -10.26 -3.04 -1.79
C THR D 8 -11.60 -3.09 -1.06
N SER D 9 -12.00 -1.96 -0.48
CA SER D 9 -13.30 -1.81 0.19
C SER D 9 -13.75 -0.36 0.06
N TRP D 10 -15.03 -0.12 0.25
CA TRP D 10 -15.62 1.24 0.20
C TRP D 10 -16.86 1.28 1.10
N GLY D 11 -17.27 2.49 1.48
CA GLY D 11 -18.37 2.70 2.43
C GLY D 11 -18.03 2.15 3.80
N THR D 12 -19.05 1.89 4.60
CA THR D 12 -18.93 1.60 6.06
C THR D 12 -19.64 0.30 6.43
N VAL D 13 -20.43 -0.30 5.52
CA VAL D 13 -21.13 -1.60 5.77
C VAL D 13 -20.10 -2.68 6.11
N PRO D 14 -19.01 -2.88 5.34
CA PRO D 14 -18.73 -2.19 4.08
C PRO D 14 -19.00 -3.08 2.86
N SER D 15 -18.59 -2.61 1.67
CA SER D 15 -18.41 -3.44 0.46
C SER D 15 -16.93 -3.81 0.36
N ILE D 16 -16.62 -5.09 0.14
CA ILE D 16 -15.23 -5.60 -0.04
C ILE D 16 -15.16 -6.33 -1.38
N ARG D 17 -14.03 -6.18 -2.08
CA ARG D 17 -13.71 -6.99 -3.28
C ARG D 17 -12.30 -7.57 -3.09
N VAL D 18 -12.19 -8.89 -3.23
CA VAL D 18 -10.89 -9.64 -3.13
C VAL D 18 -10.63 -10.30 -4.48
N TYR D 19 -9.50 -9.96 -5.10
CA TYR D 19 -9.06 -10.52 -6.41
C TYR D 19 -7.97 -11.55 -6.14
N THR D 20 -8.10 -12.74 -6.72
CA THR D 20 -7.15 -13.86 -6.53
C THR D 20 -6.58 -14.26 -7.88
N ALA D 21 -5.26 -14.16 -8.03
CA ALA D 21 -4.48 -14.73 -9.16
C ALA D 21 -4.15 -16.18 -8.80
N ASN D 22 -4.74 -17.14 -9.52
CA ASN D 22 -4.53 -18.60 -9.31
C ASN D 22 -4.25 -19.25 -10.67
N ASN D 23 -3.03 -19.73 -10.86
CA ASN D 23 -2.63 -20.53 -12.05
C ASN D 23 -2.98 -19.75 -13.33
N GLY D 24 -2.68 -18.45 -13.34
CA GLY D 24 -2.80 -17.58 -14.53
C GLY D 24 -4.19 -16.98 -14.71
N LYS D 25 -5.12 -17.22 -13.78
CA LYS D 25 -6.52 -16.71 -13.83
C LYS D 25 -6.77 -15.83 -12.62
N ILE D 26 -7.31 -14.62 -12.82
CA ILE D 26 -7.77 -13.72 -11.73
C ILE D 26 -9.30 -13.77 -11.67
N THR D 27 -9.84 -14.11 -10.50
CA THR D 27 -11.30 -14.10 -10.19
C THR D 27 -11.55 -13.14 -9.02
N GLU D 28 -12.81 -12.88 -8.73
CA GLU D 28 -13.25 -11.80 -7.80
C GLU D 28 -14.29 -12.36 -6.83
N ARG D 29 -14.09 -12.15 -5.53
CA ARG D 29 -15.09 -12.45 -4.48
C ARG D 29 -15.54 -11.13 -3.85
N CYS D 30 -16.82 -11.05 -3.52
CA CYS D 30 -17.53 -9.80 -3.15
C CYS D 30 -18.31 -10.00 -1.86
N ALA D 31 -18.32 -8.99 -0.99
CA ALA D 31 -19.19 -8.90 0.20
C ALA D 31 -19.78 -7.48 0.26
N ASP D 32 -21.11 -7.38 0.37
CA ASP D 32 -21.85 -6.09 0.47
C ASP D 32 -22.73 -6.09 1.72
N GLY D 33 -22.41 -6.91 2.73
CA GLY D 33 -23.12 -6.97 4.02
C GLY D 33 -24.08 -8.14 4.11
N LYS D 34 -24.22 -8.93 3.04
CA LYS D 34 -25.15 -10.09 2.96
C LYS D 34 -24.39 -11.35 2.55
N GLY D 35 -23.10 -11.45 2.91
CA GLY D 35 -22.28 -12.65 2.69
C GLY D 35 -21.48 -12.60 1.40
N TRP D 36 -20.60 -13.58 1.21
CA TRP D 36 -19.63 -13.63 0.07
C TRP D 36 -20.29 -14.22 -1.18
N TYR D 37 -20.02 -13.61 -2.34
CA TYR D 37 -20.45 -14.12 -3.66
C TYR D 37 -19.34 -13.85 -4.69
N THR D 38 -19.41 -14.55 -5.82
CA THR D 38 -18.43 -14.39 -6.94
C THR D 38 -18.87 -13.22 -7.82
N GLY D 39 -17.94 -12.33 -8.15
CA GLY D 39 -18.20 -11.13 -8.97
C GLY D 39 -18.01 -11.40 -10.45
N ALA D 40 -18.31 -10.40 -11.28
CA ALA D 40 -18.27 -10.49 -12.76
C ALA D 40 -16.82 -10.48 -13.29
N PHE D 41 -15.85 -10.00 -12.49
CA PHE D 41 -14.45 -9.86 -12.97
C PHE D 41 -13.82 -11.24 -13.20
N ASN D 42 -13.31 -11.46 -14.42
CA ASN D 42 -12.62 -12.71 -14.81
C ASN D 42 -11.66 -12.42 -15.95
N GLU D 43 -10.35 -12.34 -15.67
CA GLU D 43 -9.31 -11.98 -16.66
C GLU D 43 -8.01 -12.72 -16.35
N PRO D 44 -7.16 -12.99 -17.36
CA PRO D 44 -5.89 -13.67 -17.12
C PRO D 44 -4.90 -12.77 -16.36
N GLY D 45 -4.03 -13.39 -15.56
CA GLY D 45 -2.94 -12.74 -14.83
C GLY D 45 -2.36 -13.64 -13.74
N ASP D 46 -1.07 -13.43 -13.42
CA ASP D 46 -0.34 -14.14 -12.35
C ASP D 46 -0.23 -13.25 -11.11
N ASN D 47 -0.22 -11.93 -11.32
CA ASN D 47 -0.17 -10.91 -10.24
CA ASN D 47 -0.15 -10.90 -10.26
C ASN D 47 -1.32 -9.92 -10.45
N VAL D 48 -1.86 -9.40 -9.35
CA VAL D 48 -3.01 -8.45 -9.37
C VAL D 48 -2.82 -7.39 -8.28
N SER D 49 -3.14 -6.14 -8.62
CA SER D 49 -3.37 -5.04 -7.65
C SER D 49 -4.70 -4.36 -7.98
N VAL D 50 -5.25 -3.62 -7.02
CA VAL D 50 -6.57 -2.96 -7.20
C VAL D 50 -6.58 -1.66 -6.40
N THR D 51 -7.28 -0.65 -6.94
CA THR D 51 -7.69 0.56 -6.20
C THR D 51 -9.13 0.87 -6.59
N SER D 52 -9.85 1.58 -5.72
CA SER D 52 -11.24 2.01 -6.00
C SER D 52 -11.47 3.38 -5.36
N TRP D 53 -12.44 4.11 -5.90
CA TRP D 53 -12.84 5.44 -5.38
C TRP D 53 -14.35 5.61 -5.62
N LEU D 54 -15.00 6.35 -4.73
CA LEU D 54 -16.42 6.75 -4.88
C LEU D 54 -16.49 8.12 -5.55
N VAL D 55 -17.39 8.26 -6.52
CA VAL D 55 -17.87 9.58 -7.06
C VAL D 55 -19.31 9.72 -6.57
N GLY D 56 -19.51 10.49 -5.50
CA GLY D 56 -20.74 10.43 -4.68
C GLY D 56 -20.91 9.02 -4.14
N SER D 57 -21.97 8.32 -4.55
CA SER D 57 -22.31 6.94 -4.11
C SER D 57 -21.96 5.92 -5.21
N ALA D 58 -21.34 6.35 -6.31
CA ALA D 58 -20.96 5.49 -7.46
C ALA D 58 -19.53 4.97 -7.28
N ILE D 59 -19.34 3.65 -7.26
CA ILE D 59 -17.99 3.02 -7.09
C ILE D 59 -17.33 2.88 -8.46
N HIS D 60 -16.03 3.20 -8.51
CA HIS D 60 -15.13 2.97 -9.65
C HIS D 60 -13.98 2.08 -9.16
N ILE D 61 -13.65 1.03 -9.92
CA ILE D 61 -12.57 0.06 -9.57
C ILE D 61 -11.59 0.00 -10.74
N ARG D 62 -10.30 -0.06 -10.42
CA ARG D 62 -9.22 -0.32 -11.40
C ARG D 62 -8.42 -1.52 -10.91
N VAL D 63 -8.40 -2.59 -11.71
CA VAL D 63 -7.62 -3.83 -11.43
C VAL D 63 -6.45 -3.87 -12.42
N TYR D 64 -5.23 -4.07 -11.92
CA TYR D 64 -3.99 -4.17 -12.74
C TYR D 64 -3.55 -5.63 -12.73
N ALA D 65 -3.71 -6.29 -13.88
CA ALA D 65 -3.43 -7.74 -14.10
C ALA D 65 -2.12 -7.86 -14.88
N SER D 66 -1.15 -8.60 -14.33
CA SER D 66 0.19 -8.79 -14.94
C SER D 66 0.44 -10.25 -15.32
N THR D 67 0.87 -10.47 -16.57
CA THR D 67 1.46 -11.73 -17.08
C THR D 67 2.82 -11.38 -17.71
N GLY D 68 3.89 -12.03 -17.25
CA GLY D 68 5.27 -11.62 -17.61
C GLY D 68 5.46 -10.15 -17.33
N THR D 69 5.82 -9.36 -18.35
CA THR D 69 6.09 -7.90 -18.21
C THR D 69 4.94 -7.05 -18.80
N THR D 70 3.79 -7.67 -19.12
CA THR D 70 2.60 -6.96 -19.66
C THR D 70 1.55 -6.81 -18.56
N THR D 71 1.26 -5.57 -18.17
CA THR D 71 0.20 -5.22 -17.20
C THR D 71 -0.99 -4.61 -17.95
N THR D 72 -2.18 -5.19 -17.78
CA THR D 72 -3.45 -4.72 -18.37
C THR D 72 -4.34 -4.13 -17.27
N GLU D 73 -4.89 -2.95 -17.50
CA GLU D 73 -5.86 -2.28 -16.59
C GLU D 73 -7.28 -2.66 -16.99
N TRP D 74 -8.10 -3.04 -16.00
CA TRP D 74 -9.55 -3.34 -16.16
C TRP D 74 -10.34 -2.35 -15.30
N CYS D 75 -11.44 -1.85 -15.85
CA CYS D 75 -12.20 -0.69 -15.31
C CYS D 75 -13.65 -1.10 -15.03
N TRP D 76 -14.08 -0.93 -13.78
CA TRP D 76 -15.52 -0.97 -13.40
C TRP D 76 -16.00 0.45 -13.16
N ASP D 77 -17.05 0.87 -13.86
CA ASP D 77 -17.65 2.24 -13.75
C ASP D 77 -19.19 2.12 -13.74
N GLY D 78 -19.71 1.03 -13.20
CA GLY D 78 -21.14 0.86 -12.86
C GLY D 78 -21.87 -0.14 -13.74
N ASN D 79 -21.33 -0.46 -14.93
CA ASN D 79 -22.06 -1.21 -15.99
C ASN D 79 -21.38 -2.53 -16.32
N GLY D 80 -20.05 -2.55 -16.47
CA GLY D 80 -19.30 -3.76 -16.83
C GLY D 80 -17.79 -3.51 -16.80
N TRP D 81 -17.01 -4.60 -16.81
CA TRP D 81 -15.53 -4.55 -16.85
C TRP D 81 -15.06 -4.29 -18.28
N THR D 82 -14.30 -3.20 -18.46
CA THR D 82 -13.76 -2.74 -19.76
C THR D 82 -12.25 -2.50 -19.63
N LYS D 83 -11.49 -2.74 -20.70
CA LYS D 83 -10.02 -2.53 -20.71
C LYS D 83 -9.75 -1.03 -20.62
N GLY D 84 -8.77 -0.63 -19.80
CA GLY D 84 -8.38 0.78 -19.60
C GLY D 84 -7.20 1.17 -20.48
N ALA D 85 -6.78 2.43 -20.39
CA ALA D 85 -5.72 3.04 -21.21
C ALA D 85 -4.36 2.96 -20.52
N TYR D 86 -4.27 2.34 -19.33
CA TYR D 86 -2.99 2.24 -18.58
C TYR D 86 -1.92 1.60 -19.47
N THR D 87 -0.73 2.20 -19.48
CA THR D 87 0.53 1.65 -20.06
C THR D 87 1.65 1.79 -19.03
N ALA D 88 2.61 0.86 -19.04
CA ALA D 88 3.78 0.84 -18.13
C ALA D 88 4.95 1.59 -18.80
N SER E 2 6.52 -13.10 -13.28
CA SER E 2 5.76 -11.90 -13.75
C SER E 2 6.10 -10.69 -12.89
N VAL E 3 5.96 -9.48 -13.46
CA VAL E 3 6.13 -8.20 -12.71
C VAL E 3 5.06 -8.15 -11.62
N GLN E 4 5.28 -7.33 -10.58
CA GLN E 4 4.38 -7.22 -9.41
C GLN E 4 4.04 -5.74 -9.24
N THR E 5 2.74 -5.42 -9.10
CA THR E 5 2.26 -4.02 -9.01
C THR E 5 1.56 -3.74 -7.69
N ALA E 6 1.51 -2.45 -7.34
CA ALA E 6 0.71 -1.89 -6.23
C ALA E 6 0.05 -0.60 -6.75
N ALA E 7 -1.19 -0.34 -6.33
CA ALA E 7 -1.99 0.79 -6.81
C ALA E 7 -2.59 1.55 -5.63
N THR E 8 -2.68 2.88 -5.76
CA THR E 8 -3.45 3.76 -4.84
C THR E 8 -4.13 4.83 -5.69
N SER E 9 -5.18 5.45 -5.16
CA SER E 9 -5.94 6.52 -5.82
C SER E 9 -6.48 7.48 -4.77
N TRP E 10 -6.82 8.70 -5.16
CA TRP E 10 -7.42 9.70 -4.26
C TRP E 10 -8.31 10.68 -5.03
N GLY E 11 -9.28 11.25 -4.32
CA GLY E 11 -10.27 12.20 -4.87
C GLY E 11 -11.20 11.53 -5.85
N THR E 12 -12.00 12.31 -6.58
CA THR E 12 -13.09 11.82 -7.45
C THR E 12 -12.67 11.89 -8.93
N VAL E 13 -11.53 12.51 -9.25
CA VAL E 13 -11.12 12.77 -10.66
C VAL E 13 -10.96 11.45 -11.41
N PRO E 14 -10.19 10.44 -10.92
CA PRO E 14 -9.32 10.54 -9.75
C PRO E 14 -7.85 10.82 -10.13
N SER E 15 -6.98 10.87 -9.11
CA SER E 15 -5.53 10.64 -9.25
C SER E 15 -5.26 9.17 -8.94
N ILE E 16 -4.46 8.51 -9.77
CA ILE E 16 -4.03 7.08 -9.58
C ILE E 16 -2.51 7.06 -9.63
N ARG E 17 -1.89 6.24 -8.79
CA ARG E 17 -0.44 5.90 -8.88
C ARG E 17 -0.31 4.38 -8.88
N VAL E 18 0.40 3.84 -9.88
CA VAL E 18 0.67 2.39 -10.04
C VAL E 18 2.18 2.19 -9.99
N TYR E 19 2.65 1.37 -9.05
CA TYR E 19 4.08 1.02 -8.84
C TYR E 19 4.31 -0.40 -9.35
N THR E 20 5.36 -0.58 -10.16
CA THR E 20 5.72 -1.90 -10.76
C THR E 20 7.14 -2.28 -10.34
N ALA E 21 7.27 -3.42 -9.67
CA ALA E 21 8.56 -4.09 -9.39
C ALA E 21 8.88 -5.01 -10.57
N ASN E 22 9.92 -4.67 -11.34
CA ASN E 22 10.31 -5.35 -12.60
C ASN E 22 11.81 -5.60 -12.56
N ASN E 23 12.22 -6.86 -12.39
CA ASN E 23 13.64 -7.32 -12.37
C ASN E 23 14.46 -6.39 -11.45
N GLY E 24 13.98 -6.14 -10.23
CA GLY E 24 14.74 -5.46 -9.16
C GLY E 24 14.58 -3.95 -9.14
N LYS E 25 13.78 -3.39 -10.06
CA LYS E 25 13.58 -1.92 -10.19
C LYS E 25 12.09 -1.60 -10.02
N ILE E 26 11.76 -0.67 -9.13
CA ILE E 26 10.37 -0.14 -8.95
C ILE E 26 10.27 1.22 -9.65
N THR E 27 9.32 1.34 -10.58
CA THR E 27 8.99 2.59 -11.30
C THR E 27 7.52 2.91 -11.03
N GLU E 28 7.08 4.11 -11.40
CA GLU E 28 5.76 4.69 -11.03
C GLU E 28 5.10 5.28 -12.28
N ARG E 29 3.84 4.93 -12.51
CA ARG E 29 2.98 5.52 -13.57
C ARG E 29 1.83 6.24 -12.89
N CYS E 30 1.43 7.39 -13.44
CA CYS E 30 0.56 8.40 -12.80
C CYS E 30 -0.55 8.84 -13.74
N ALA E 31 -1.76 9.04 -13.21
CA ALA E 31 -2.90 9.68 -13.89
C ALA E 31 -3.51 10.71 -12.93
N ASP E 32 -3.78 11.93 -13.44
CA ASP E 32 -4.42 13.03 -12.66
C ASP E 32 -5.59 13.60 -13.47
N GLY E 33 -6.17 12.81 -14.37
CA GLY E 33 -7.38 13.17 -15.14
C GLY E 33 -7.06 13.61 -16.56
N LYS E 34 -5.78 13.62 -16.96
CA LYS E 34 -5.32 14.04 -18.30
C LYS E 34 -4.33 13.01 -18.87
N GLY E 35 -4.52 11.72 -18.54
CA GLY E 35 -3.75 10.61 -19.15
C GLY E 35 -2.55 10.19 -18.33
N TRP E 36 -1.90 9.10 -18.74
CA TRP E 36 -0.81 8.42 -17.99
C TRP E 36 0.55 9.06 -18.29
N TYR E 37 1.37 9.26 -17.26
CA TYR E 37 2.76 9.77 -17.38
C TYR E 37 3.65 9.05 -16.36
N THR E 38 4.97 9.12 -16.56
CA THR E 38 5.97 8.48 -15.66
C THR E 38 6.24 9.40 -14.48
N GLY E 39 6.12 8.87 -13.26
CA GLY E 39 6.31 9.63 -12.01
C GLY E 39 7.77 9.69 -11.59
N ALA E 40 8.06 10.51 -10.58
CA ALA E 40 9.42 10.77 -10.07
C ALA E 40 9.94 9.58 -9.25
N PHE E 41 9.08 8.68 -8.77
CA PHE E 41 9.51 7.53 -7.92
C PHE E 41 10.31 6.54 -8.76
N ASN E 42 11.56 6.28 -8.33
CA ASN E 42 12.49 5.30 -8.96
C ASN E 42 13.42 4.79 -7.86
N GLU E 43 13.18 3.58 -7.36
CA GLU E 43 13.98 2.95 -6.26
C GLU E 43 14.07 1.45 -6.50
N PRO E 44 15.15 0.79 -6.03
CA PRO E 44 15.28 -0.67 -6.18
C PRO E 44 14.28 -1.45 -5.32
N GLY E 45 13.87 -2.63 -5.79
CA GLY E 45 13.01 -3.56 -5.06
C GLY E 45 12.45 -4.64 -5.97
N ASP E 46 12.20 -5.82 -5.40
CA ASP E 46 11.55 -6.97 -6.10
C ASP E 46 10.08 -7.05 -5.69
N ASN E 47 9.69 -6.36 -4.62
CA ASN E 47 8.29 -6.33 -4.11
C ASN E 47 7.93 -4.90 -3.70
N VAL E 48 6.68 -4.50 -3.95
CA VAL E 48 6.18 -3.13 -3.62
C VAL E 48 4.75 -3.22 -3.06
N SER E 49 4.46 -2.41 -2.05
CA SER E 49 3.09 -2.06 -1.62
C SER E 49 3.01 -0.56 -1.41
N VAL E 50 1.80 -0.01 -1.37
CA VAL E 50 1.58 1.45 -1.26
C VAL E 50 0.29 1.72 -0.49
N THR E 51 0.30 2.82 0.26
CA THR E 51 -0.91 3.44 0.85
C THR E 51 -0.77 4.96 0.73
N SER E 52 -1.89 5.66 0.74
CA SER E 52 -1.92 7.14 0.67
C SER E 52 -3.11 7.67 1.46
N TRP E 53 -3.02 8.93 1.89
CA TRP E 53 -4.10 9.65 2.61
C TRP E 53 -4.02 11.13 2.23
N LEU E 54 -5.16 11.82 2.29
CA LEU E 54 -5.27 13.27 2.02
C LEU E 54 -5.25 14.03 3.35
N VAL E 55 -4.53 15.14 3.39
CA VAL E 55 -4.70 16.25 4.38
C VAL E 55 -5.24 17.44 3.58
N GLY E 56 -6.55 17.67 3.66
CA GLY E 56 -7.26 18.57 2.73
C GLY E 56 -7.20 18.03 1.32
N SER E 57 -6.49 18.74 0.41
CA SER E 57 -6.25 18.32 -0.99
C SER E 57 -4.80 17.89 -1.18
N ALA E 58 -3.99 17.88 -0.13
CA ALA E 58 -2.55 17.51 -0.17
C ALA E 58 -2.42 15.99 0.02
N ILE E 59 -1.90 15.29 -1.00
CA ILE E 59 -1.71 13.81 -0.94
C ILE E 59 -0.41 13.51 -0.20
N HIS E 60 -0.44 12.44 0.60
CA HIS E 60 0.75 11.83 1.26
C HIS E 60 0.78 10.36 0.85
N ILE E 61 1.91 9.90 0.29
CA ILE E 61 2.07 8.51 -0.21
C ILE E 61 3.20 7.83 0.57
N ARG E 62 2.99 6.58 0.95
CA ARG E 62 4.04 5.72 1.53
C ARG E 62 4.18 4.47 0.65
N VAL E 63 5.37 4.28 0.08
CA VAL E 63 5.73 3.10 -0.76
C VAL E 63 6.68 2.21 0.05
N TYR E 64 6.36 0.93 0.19
CA TYR E 64 7.17 -0.09 0.91
C TYR E 64 7.86 -0.97 -0.14
N ALA E 65 9.16 -0.78 -0.33
CA ALA E 65 10.01 -1.46 -1.33
C ALA E 65 10.83 -2.53 -0.61
N SER E 66 10.75 -3.79 -1.06
CA SER E 66 11.44 -4.92 -0.39
C SER E 66 12.44 -5.58 -1.34
N THR E 67 13.67 -5.78 -0.85
CA THR E 67 14.74 -6.61 -1.45
C THR E 67 15.17 -7.62 -0.39
N GLY E 68 15.09 -8.92 -0.70
CA GLY E 68 15.27 -9.99 0.30
C GLY E 68 14.36 -9.75 1.50
N THR E 69 14.95 -9.63 2.69
CA THR E 69 14.20 -9.44 3.98
C THR E 69 14.23 -7.97 4.41
N THR E 70 14.70 -7.06 3.55
CA THR E 70 14.86 -5.62 3.87
C THR E 70 13.76 -4.81 3.18
N THR E 71 12.87 -4.20 3.96
CA THR E 71 11.78 -3.31 3.49
C THR E 71 12.18 -1.86 3.78
N THR E 72 12.26 -1.02 2.74
CA THR E 72 12.50 0.45 2.85
C THR E 72 11.19 1.18 2.58
N GLU E 73 10.83 2.13 3.44
CA GLU E 73 9.66 3.02 3.27
C GLU E 73 10.11 4.31 2.59
N TRP E 74 9.38 4.71 1.53
CA TRP E 74 9.59 5.97 0.78
C TRP E 74 8.37 6.87 0.94
N CYS E 75 8.61 8.15 1.22
CA CYS E 75 7.58 9.14 1.63
C CYS E 75 7.46 10.23 0.58
N TRP E 76 6.25 10.44 0.05
CA TRP E 76 5.88 11.66 -0.70
C TRP E 76 4.96 12.52 0.17
N ASP E 77 5.36 13.76 0.45
CA ASP E 77 4.57 14.74 1.25
C ASP E 77 4.53 16.07 0.50
N GLY E 78 4.65 16.03 -0.83
CA GLY E 78 4.50 17.19 -1.73
C GLY E 78 5.84 17.80 -2.14
N ASN E 79 6.95 17.38 -1.53
CA ASN E 79 8.29 18.02 -1.68
C ASN E 79 9.38 16.93 -1.79
N GLY E 80 9.20 15.97 -2.70
CA GLY E 80 10.21 14.96 -3.06
C GLY E 80 10.02 13.64 -2.32
N TRP E 81 10.65 12.58 -2.81
CA TRP E 81 10.64 11.22 -2.20
C TRP E 81 11.79 11.10 -1.20
N THR E 82 11.46 10.96 0.09
CA THR E 82 12.43 10.84 1.21
C THR E 82 12.29 9.46 1.87
N LYS E 83 13.37 8.94 2.46
CA LYS E 83 13.35 7.64 3.17
C LYS E 83 12.64 7.83 4.52
N GLY E 84 11.69 6.95 4.83
CA GLY E 84 10.86 7.01 6.05
C GLY E 84 11.47 6.22 7.20
N ALA E 85 10.84 6.31 8.37
CA ALA E 85 11.33 5.73 9.65
C ALA E 85 11.06 4.22 9.72
N TYR E 86 10.20 3.67 8.85
CA TYR E 86 9.77 2.25 8.90
C TYR E 86 10.99 1.32 9.12
N THR E 87 10.86 0.37 10.03
CA THR E 87 11.76 -0.80 10.19
C THR E 87 10.93 -2.06 10.47
N ALA E 88 11.51 -3.23 10.22
CA ALA E 88 10.97 -4.55 10.63
C ALA E 88 11.08 -4.69 12.15
N SER F 1 12.58 -15.02 -3.20
CA SER F 1 13.79 -14.13 -3.24
C SER F 1 13.61 -12.91 -2.32
N SER F 2 12.38 -12.40 -2.17
CA SER F 2 12.05 -11.26 -1.27
C SER F 2 10.76 -11.54 -0.47
N VAL F 3 10.62 -10.85 0.67
CA VAL F 3 9.36 -10.82 1.46
C VAL F 3 8.29 -10.12 0.60
N GLN F 4 7.02 -10.26 0.97
CA GLN F 4 5.87 -9.66 0.26
C GLN F 4 5.05 -8.86 1.28
N THR F 5 4.77 -7.59 1.00
CA THR F 5 4.08 -6.69 1.94
C THR F 5 2.73 -6.22 1.40
N ALA F 6 1.88 -5.76 2.31
CA ALA F 6 0.59 -5.10 2.04
C ALA F 6 0.42 -3.98 3.06
N ALA F 7 -0.15 -2.86 2.65
CA ALA F 7 -0.25 -1.64 3.49
C ALA F 7 -1.68 -1.09 3.47
N THR F 8 -2.12 -0.55 4.60
CA THR F 8 -3.37 0.24 4.73
C THR F 8 -3.09 1.42 5.67
N SER F 9 -3.93 2.45 5.59
CA SER F 9 -3.81 3.68 6.42
C SER F 9 -5.19 4.29 6.60
N TRP F 10 -5.38 5.09 7.65
CA TRP F 10 -6.66 5.78 7.91
C TRP F 10 -6.44 7.09 8.68
N GLY F 11 -7.40 8.01 8.54
CA GLY F 11 -7.37 9.33 9.17
C GLY F 11 -6.29 10.21 8.59
N THR F 12 -5.90 11.27 9.32
CA THR F 12 -4.96 12.33 8.86
C THR F 12 -3.68 12.32 9.70
N VAL F 13 -3.59 11.50 10.76
CA VAL F 13 -2.38 11.47 11.64
C VAL F 13 -1.16 11.10 10.80
N PRO F 14 -1.14 10.00 10.01
CA PRO F 14 -2.17 8.97 9.99
C PRO F 14 -1.85 7.77 10.88
N SER F 15 -2.72 6.77 10.89
CA SER F 15 -2.40 5.38 11.32
C SER F 15 -2.03 4.58 10.07
N ILE F 16 -0.95 3.82 10.13
CA ILE F 16 -0.49 2.90 9.04
C ILE F 16 -0.34 1.50 9.62
N ARG F 17 -0.71 0.48 8.86
CA ARG F 17 -0.41 -0.94 9.17
C ARG F 17 0.24 -1.56 7.94
N VAL F 18 1.42 -2.15 8.13
CA VAL F 18 2.20 -2.86 7.08
C VAL F 18 2.29 -4.34 7.48
N TYR F 19 1.80 -5.22 6.62
CA TYR F 19 1.81 -6.69 6.81
C TYR F 19 2.92 -7.28 5.93
N THR F 20 3.76 -8.13 6.50
CA THR F 20 4.88 -8.79 5.79
C THR F 20 4.67 -10.31 5.84
N ALA F 21 4.51 -10.93 4.68
CA ALA F 21 4.57 -12.40 4.50
C ALA F 21 6.04 -12.80 4.35
N ASN F 22 6.55 -13.60 5.27
CA ASN F 22 7.99 -13.98 5.35
C ASN F 22 8.08 -15.35 6.03
N ASN F 23 8.67 -16.34 5.35
CA ASN F 23 8.98 -17.67 5.94
C ASN F 23 7.70 -18.31 6.49
N GLY F 24 6.57 -18.13 5.79
CA GLY F 24 5.30 -18.81 6.09
C GLY F 24 4.47 -18.10 7.14
N LYS F 25 4.92 -16.94 7.63
CA LYS F 25 4.20 -16.16 8.67
C LYS F 25 3.98 -14.74 8.19
N ILE F 26 2.79 -14.19 8.47
CA ILE F 26 2.48 -12.74 8.26
C ILE F 26 2.56 -12.06 9.63
N THR F 27 3.42 -11.04 9.73
CA THR F 27 3.55 -10.17 10.92
C THR F 27 3.15 -8.75 10.52
N GLU F 28 2.97 -7.88 11.52
CA GLU F 28 2.35 -6.54 11.35
C GLU F 28 3.21 -5.51 12.06
N ARG F 29 3.53 -4.43 11.35
CA ARG F 29 4.21 -3.23 11.92
C ARG F 29 3.22 -2.07 11.83
N CYS F 30 3.16 -1.26 12.89
CA CYS F 30 2.08 -0.27 13.15
C CYS F 30 2.69 1.11 13.43
N ALA F 31 2.07 2.15 12.87
CA ALA F 31 2.41 3.57 13.13
C ALA F 31 1.11 4.34 13.43
N ASP F 32 1.04 5.00 14.58
CA ASP F 32 -0.12 5.84 14.99
C ASP F 32 0.37 7.26 15.27
N GLY F 33 1.56 7.63 14.78
CA GLY F 33 2.18 8.96 14.93
C GLY F 33 3.29 8.98 15.96
N LYS F 34 3.56 7.85 16.64
CA LYS F 34 4.58 7.77 17.72
C LYS F 34 5.49 6.56 17.47
N GLY F 35 6.17 6.55 16.33
CA GLY F 35 7.13 5.52 15.95
C GLY F 35 6.45 4.25 15.47
N TRP F 36 7.25 3.24 15.12
CA TRP F 36 6.78 1.93 14.61
C TRP F 36 6.83 0.92 15.76
N TYR F 37 5.81 0.06 15.85
CA TYR F 37 5.76 -1.05 16.84
C TYR F 37 5.17 -2.29 16.18
N THR F 38 5.45 -3.45 16.78
CA THR F 38 4.97 -4.77 16.33
C THR F 38 3.53 -4.94 16.78
N GLY F 39 2.63 -5.22 15.83
CA GLY F 39 1.18 -5.35 16.08
C GLY F 39 0.81 -6.73 16.59
N ALA F 40 -0.44 -6.89 17.02
CA ALA F 40 -0.99 -8.15 17.55
C ALA F 40 -1.17 -9.18 16.43
N PHE F 41 -1.25 -8.77 15.16
CA PHE F 41 -1.52 -9.70 14.05
C PHE F 41 -0.32 -10.62 13.82
N ASN F 42 -0.52 -11.93 13.97
CA ASN F 42 0.49 -12.97 13.67
C ASN F 42 -0.24 -14.25 13.25
N GLU F 43 -0.32 -14.53 11.96
CA GLU F 43 -1.02 -15.72 11.42
C GLU F 43 -0.23 -16.28 10.24
N PRO F 44 -0.43 -17.57 9.89
CA PRO F 44 0.28 -18.19 8.77
C PRO F 44 -0.11 -17.59 7.41
N GLY F 45 0.85 -17.49 6.50
CA GLY F 45 0.63 -17.02 5.11
C GLY F 45 1.94 -16.77 4.38
N ASP F 46 1.96 -17.04 3.07
CA ASP F 46 3.08 -16.71 2.16
C ASP F 46 2.70 -15.51 1.30
N ASN F 47 1.44 -15.11 1.32
CA ASN F 47 0.90 -13.95 0.55
C ASN F 47 -0.12 -13.23 1.43
N VAL F 48 -0.13 -11.90 1.37
CA VAL F 48 -1.05 -11.06 2.19
C VAL F 48 -1.58 -9.92 1.34
N SER F 49 -2.88 -9.63 1.47
CA SER F 49 -3.51 -8.35 1.07
C SER F 49 -4.31 -7.82 2.27
N VAL F 50 -4.60 -6.53 2.27
CA VAL F 50 -5.32 -5.88 3.40
C VAL F 50 -6.20 -4.76 2.85
N THR F 51 -7.32 -4.53 3.52
CA THR F 51 -8.15 -3.32 3.33
C THR F 51 -8.70 -2.92 4.70
N SER F 52 -9.09 -1.67 4.85
CA SER F 52 -9.63 -1.14 6.13
C SER F 52 -10.65 -0.05 5.84
N TRP F 53 -11.58 0.16 6.76
CA TRP F 53 -12.60 1.24 6.71
C TRP F 53 -12.87 1.74 8.13
N LEU F 54 -13.19 3.04 8.24
CA LEU F 54 -13.58 3.68 9.52
C LEU F 54 -15.10 3.59 9.69
N VAL F 55 -15.54 3.15 10.88
CA VAL F 55 -16.93 3.33 11.40
C VAL F 55 -16.83 4.41 12.48
N GLY F 56 -17.12 5.67 12.13
CA GLY F 56 -16.78 6.84 12.94
C GLY F 56 -15.27 6.94 13.12
N SER F 57 -14.79 6.76 14.36
CA SER F 57 -13.35 6.81 14.72
C SER F 57 -12.77 5.40 14.89
N ALA F 58 -13.61 4.36 14.83
CA ALA F 58 -13.22 2.94 15.04
C ALA F 58 -12.75 2.32 13.71
N ILE F 59 -11.51 1.85 13.66
CA ILE F 59 -10.94 1.17 12.46
C ILE F 59 -11.41 -0.28 12.43
N HIS F 60 -11.74 -0.76 11.24
CA HIS F 60 -12.01 -2.19 10.91
C HIS F 60 -11.01 -2.62 9.84
N ILE F 61 -10.31 -3.73 10.07
CA ILE F 61 -9.26 -4.23 9.13
C ILE F 61 -9.62 -5.65 8.70
N ARG F 62 -9.45 -5.95 7.42
CA ARG F 62 -9.55 -7.33 6.90
C ARG F 62 -8.22 -7.68 6.21
N VAL F 63 -7.57 -8.74 6.69
CA VAL F 63 -6.31 -9.28 6.14
C VAL F 63 -6.63 -10.61 5.46
N TYR F 64 -6.16 -10.78 4.22
CA TYR F 64 -6.36 -12.00 3.40
C TYR F 64 -5.02 -12.72 3.30
N ALA F 65 -4.90 -13.83 4.03
CA ALA F 65 -3.67 -14.62 4.20
C ALA F 65 -3.78 -15.88 3.36
N SER F 66 -2.85 -16.09 2.42
CA SER F 66 -2.88 -17.23 1.47
C SER F 66 -1.67 -18.14 1.69
N THR F 67 -1.94 -19.43 1.80
CA THR F 67 -0.95 -20.54 1.78
C THR F 67 -1.42 -21.55 0.72
N GLY F 68 -0.58 -21.84 -0.28
CA GLY F 68 -1.00 -22.62 -1.46
C GLY F 68 -2.20 -21.96 -2.12
N THR F 69 -3.33 -22.67 -2.21
CA THR F 69 -4.58 -22.17 -2.85
C THR F 69 -5.65 -21.83 -1.80
N THR F 70 -5.29 -21.84 -0.50
CA THR F 70 -6.23 -21.55 0.62
C THR F 70 -5.99 -20.13 1.14
N THR F 71 -7.01 -19.27 1.04
CA THR F 71 -7.03 -17.89 1.58
C THR F 71 -7.91 -17.85 2.83
N THR F 72 -7.33 -17.38 3.94
CA THR F 72 -8.01 -17.20 5.25
C THR F 72 -8.13 -15.71 5.53
N GLU F 73 -9.34 -15.24 5.81
CA GLU F 73 -9.61 -13.83 6.17
C GLU F 73 -9.46 -13.68 7.69
N TRP F 74 -8.79 -12.61 8.12
CA TRP F 74 -8.64 -12.23 9.54
C TRP F 74 -9.22 -10.83 9.75
N CYS F 75 -9.94 -10.63 10.86
CA CYS F 75 -10.81 -9.46 11.11
C CYS F 75 -10.36 -8.75 12.38
N TRP F 76 -10.08 -7.45 12.29
CA TRP F 76 -9.94 -6.54 13.45
C TRP F 76 -11.17 -5.64 13.50
N ASP F 77 -11.86 -5.60 14.64
CA ASP F 77 -13.08 -4.78 14.83
C ASP F 77 -13.01 -4.06 16.20
N GLY F 78 -11.80 -3.83 16.71
CA GLY F 78 -11.52 -2.87 17.78
C GLY F 78 -10.98 -3.49 19.07
N ASN F 79 -11.01 -4.82 19.22
CA ASN F 79 -10.63 -5.46 20.51
CA ASN F 79 -10.69 -5.52 20.49
C ASN F 79 -9.69 -6.66 20.28
N GLY F 80 -9.59 -7.18 19.05
CA GLY F 80 -8.70 -8.32 18.75
C GLY F 80 -8.95 -8.90 17.37
N TRP F 81 -8.13 -9.89 16.98
CA TRP F 81 -8.18 -10.55 15.64
C TRP F 81 -9.02 -11.83 15.72
N THR F 82 -9.99 -11.96 14.82
CA THR F 82 -10.89 -13.14 14.69
C THR F 82 -10.87 -13.65 13.25
N LYS F 83 -11.10 -14.95 13.06
CA LYS F 83 -11.22 -15.58 11.73
C LYS F 83 -12.50 -15.08 11.06
N GLY F 84 -12.42 -14.74 9.77
CA GLY F 84 -13.54 -14.25 8.96
C GLY F 84 -14.25 -15.38 8.23
N ALA F 85 -15.37 -15.05 7.57
CA ALA F 85 -16.26 -15.99 6.83
C ALA F 85 -15.83 -16.08 5.35
N TYR F 86 -14.81 -15.34 4.92
CA TYR F 86 -14.36 -15.32 3.50
C TYR F 86 -14.14 -16.74 3.00
N THR F 87 -14.64 -17.02 1.78
CA THR F 87 -14.32 -18.22 0.95
C THR F 87 -13.99 -17.75 -0.47
N ALA F 88 -13.18 -18.51 -1.20
CA ALA F 88 -12.63 -18.14 -2.53
C ALA F 88 -13.56 -18.63 -3.66
N THR F 89 -14.52 -19.50 -3.34
CA THR F 89 -15.42 -20.18 -4.33
C THR F 89 -16.87 -20.04 -3.86
N SER G 2 31.15 -41.62 -1.53
CA SER G 2 30.01 -40.76 -1.98
C SER G 2 29.93 -39.51 -1.10
N VAL G 3 29.48 -38.39 -1.67
CA VAL G 3 29.19 -37.13 -0.93
C VAL G 3 28.09 -37.42 0.11
N GLN G 4 28.05 -36.63 1.18
CA GLN G 4 27.04 -36.74 2.26
C GLN G 4 26.32 -35.40 2.38
N THR G 5 24.99 -35.43 2.51
CA THR G 5 24.15 -34.21 2.58
C THR G 5 23.33 -34.17 3.87
N ALA G 6 22.94 -32.97 4.26
CA ALA G 6 21.96 -32.67 5.31
C ALA G 6 21.01 -31.59 4.78
N ALA G 7 19.73 -31.69 5.12
CA ALA G 7 18.66 -30.81 4.61
C ALA G 7 17.88 -30.19 5.77
N THR G 8 17.48 -28.93 5.60
CA THR G 8 16.48 -28.25 6.46
C THR G 8 15.57 -27.44 5.54
N SER G 9 14.37 -27.14 6.01
CA SER G 9 13.41 -26.28 5.31
C SER G 9 12.59 -25.51 6.34
N TRP G 10 11.94 -24.44 5.91
CA TRP G 10 11.08 -23.62 6.78
C TRP G 10 10.05 -22.89 5.93
N GLY G 11 8.96 -22.46 6.56
CA GLY G 11 7.82 -21.83 5.86
C GLY G 11 7.13 -22.83 4.96
N THR G 12 6.37 -22.31 3.98
CA THR G 12 5.42 -23.09 3.17
C THR G 12 5.65 -22.86 1.66
N VAL G 13 6.50 -21.89 1.28
CA VAL G 13 6.88 -21.66 -0.15
C VAL G 13 7.46 -22.95 -0.73
N PRO G 14 8.43 -23.66 -0.10
CA PRO G 14 9.15 -23.24 1.10
C PRO G 14 10.54 -22.66 0.80
N SER G 15 11.31 -22.39 1.85
CA SER G 15 12.78 -22.22 1.79
C SER G 15 13.44 -23.56 2.14
N ILE G 16 14.39 -24.02 1.31
CA ILE G 16 15.18 -25.27 1.54
C ILE G 16 16.65 -24.90 1.56
N ARG G 17 17.43 -25.51 2.46
CA ARG G 17 18.91 -25.44 2.46
C ARG G 17 19.44 -26.88 2.48
N VAL G 18 20.30 -27.21 1.52
CA VAL G 18 20.99 -28.54 1.43
C VAL G 18 22.49 -28.31 1.56
N TYR G 19 23.11 -28.95 2.55
CA TYR G 19 24.56 -28.90 2.85
C TYR G 19 25.19 -30.20 2.34
N THR G 20 26.25 -30.09 1.54
CA THR G 20 26.96 -31.24 0.93
C THR G 20 28.41 -31.23 1.40
N ALA G 21 28.82 -32.30 2.10
CA ALA G 21 30.23 -32.59 2.42
C ALA G 21 30.84 -33.36 1.24
N ASN G 22 31.79 -32.72 0.53
CA ASN G 22 32.43 -33.26 -0.70
C ASN G 22 33.94 -32.98 -0.61
N ASN G 23 34.75 -34.03 -0.50
CA ASN G 23 36.24 -33.94 -0.52
C ASN G 23 36.70 -32.94 0.56
N GLY G 24 36.09 -32.99 1.75
CA GLY G 24 36.50 -32.21 2.93
C GLY G 24 36.00 -30.79 2.94
N LYS G 25 35.11 -30.43 2.00
CA LYS G 25 34.48 -29.08 1.92
C LYS G 25 32.97 -29.23 2.02
N ILE G 26 32.33 -28.48 2.93
CA ILE G 26 30.85 -28.39 3.02
C ILE G 26 30.41 -27.10 2.32
N THR G 27 29.53 -27.22 1.33
CA THR G 27 28.92 -26.10 0.58
C THR G 27 27.40 -26.17 0.77
N GLU G 28 26.71 -25.10 0.40
CA GLU G 28 25.27 -24.90 0.69
C GLU G 28 24.55 -24.52 -0.61
N ARG G 29 23.46 -25.21 -0.91
CA ARG G 29 22.54 -24.86 -2.02
C ARG G 29 21.19 -24.48 -1.42
N CYS G 30 20.55 -23.45 -1.99
CA CYS G 30 19.39 -22.74 -1.42
C CYS G 30 18.26 -22.65 -2.45
N ALA G 31 17.02 -22.87 -2.01
CA ALA G 31 15.80 -22.64 -2.81
C ALA G 31 14.84 -21.80 -1.96
N ASP G 32 14.41 -20.64 -2.48
CA ASP G 32 13.45 -19.72 -1.81
C ASP G 32 12.25 -19.46 -2.72
N GLY G 33 11.99 -20.35 -3.69
CA GLY G 33 10.82 -20.28 -4.58
C GLY G 33 11.13 -19.62 -5.93
N LYS G 34 12.39 -19.24 -6.16
CA LYS G 34 12.85 -18.63 -7.44
C LYS G 34 14.08 -19.40 -7.96
N GLY G 35 14.17 -20.71 -7.69
CA GLY G 35 15.21 -21.61 -8.21
C GLY G 35 16.36 -21.80 -7.22
N TRP G 36 17.29 -22.69 -7.56
CA TRP G 36 18.45 -23.07 -6.71
C TRP G 36 19.61 -22.09 -6.93
N TYR G 37 20.29 -21.70 -5.85
CA TYR G 37 21.49 -20.84 -5.88
C TYR G 37 22.46 -21.29 -4.79
N THR G 38 23.74 -20.92 -4.93
CA THR G 38 24.83 -21.25 -3.98
C THR G 38 24.76 -20.27 -2.81
N GLY G 39 24.70 -20.79 -1.59
CA GLY G 39 24.59 -20.00 -0.36
C GLY G 39 25.95 -19.55 0.15
N ALA G 40 25.94 -18.69 1.18
CA ALA G 40 27.12 -18.04 1.77
C ALA G 40 27.97 -19.04 2.55
N PHE G 41 27.39 -20.15 3.01
CA PHE G 41 28.07 -21.15 3.88
C PHE G 41 29.17 -21.87 3.09
N ASN G 42 30.40 -21.85 3.61
CA ASN G 42 31.55 -22.59 3.06
C ASN G 42 32.55 -22.87 4.20
N GLU G 43 32.57 -24.10 4.71
CA GLU G 43 33.44 -24.49 5.84
C GLU G 43 33.98 -25.89 5.63
N PRO G 44 35.17 -26.22 6.19
CA PRO G 44 35.72 -27.57 6.12
C PRO G 44 34.88 -28.62 6.87
N GLY G 45 34.79 -29.82 6.32
CA GLY G 45 34.14 -30.97 6.98
C GLY G 45 33.90 -32.12 6.03
N ASP G 46 33.81 -33.33 6.57
CA ASP G 46 33.54 -34.59 5.84
C ASP G 46 32.14 -35.11 6.19
N ASN G 47 31.57 -34.63 7.30
CA ASN G 47 30.20 -34.96 7.76
C ASN G 47 29.47 -33.67 8.12
N VAL G 48 28.17 -33.59 7.82
CA VAL G 48 27.34 -32.40 8.14
C VAL G 48 25.97 -32.85 8.65
N SER G 49 25.48 -32.19 9.70
CA SER G 49 24.04 -32.17 10.09
C SER G 49 23.60 -30.72 10.22
N VAL G 50 22.29 -30.49 10.24
CA VAL G 50 21.71 -29.12 10.29
C VAL G 50 20.37 -29.18 11.02
N THR G 51 20.07 -28.12 11.77
CA THR G 51 18.72 -27.84 12.29
C THR G 51 18.47 -26.35 12.13
N SER G 52 17.21 -25.95 12.01
CA SER G 52 16.82 -24.52 11.91
C SER G 52 15.52 -24.32 12.68
N TRP G 53 15.27 -23.08 13.12
CA TRP G 53 14.05 -22.68 13.84
C TRP G 53 13.72 -21.23 13.52
N LEU G 54 12.44 -20.88 13.59
CA LEU G 54 11.94 -19.50 13.37
C LEU G 54 11.72 -18.81 14.72
N VAL G 55 12.14 -17.55 14.83
CA VAL G 55 11.74 -16.61 15.90
C VAL G 55 10.87 -15.53 15.23
N GLY G 56 9.55 -15.62 15.37
CA GLY G 56 8.60 -14.95 14.46
C GLY G 56 8.86 -15.41 13.04
N SER G 57 9.25 -14.50 12.14
CA SER G 57 9.56 -14.78 10.72
C SER G 57 11.07 -14.93 10.50
N ALA G 58 11.89 -14.69 11.53
CA ALA G 58 13.37 -14.68 11.43
C ALA G 58 13.91 -16.12 11.52
N ILE G 59 14.66 -16.56 10.50
CA ILE G 59 15.28 -17.91 10.45
C ILE G 59 16.64 -17.90 11.16
N HIS G 60 16.88 -18.94 11.97
CA HIS G 60 18.19 -19.26 12.60
C HIS G 60 18.59 -20.67 12.15
N ILE G 61 19.85 -20.86 11.76
CA ILE G 61 20.36 -22.17 11.27
C ILE G 61 21.60 -22.53 12.11
N ARG G 62 21.73 -23.80 12.47
CA ARG G 62 22.96 -24.35 13.10
C ARG G 62 23.42 -25.53 12.23
N VAL G 63 24.64 -25.44 11.72
CA VAL G 63 25.30 -26.48 10.90
C VAL G 63 26.43 -27.10 11.73
N TYR G 64 26.44 -28.43 11.84
CA TYR G 64 27.44 -29.21 12.61
C TYR G 64 28.35 -29.91 11.61
N ALA G 65 29.57 -29.39 11.47
CA ALA G 65 30.61 -29.84 10.51
C ALA G 65 31.66 -30.65 11.27
N SER G 66 31.93 -31.88 10.83
CA SER G 66 32.84 -32.81 11.54
C SER G 66 34.03 -33.18 10.64
N THR G 67 35.24 -33.05 11.20
CA THR G 67 36.52 -33.58 10.67
C THR G 67 37.07 -34.53 11.74
N GLY G 68 37.33 -35.79 11.41
CA GLY G 68 37.65 -36.82 12.43
C GLY G 68 36.63 -36.78 13.55
N THR G 69 37.06 -36.60 14.79
CA THR G 69 36.17 -36.59 15.99
C THR G 69 35.85 -35.17 16.46
N THR G 70 36.27 -34.13 15.73
CA THR G 70 36.01 -32.71 16.10
C THR G 70 34.84 -32.18 15.28
N THR G 71 33.78 -31.75 15.96
CA THR G 71 32.56 -31.14 15.37
C THR G 71 32.56 -29.65 15.68
N THR G 72 32.47 -28.82 14.63
CA THR G 72 32.37 -27.33 14.74
C THR G 72 30.94 -26.92 14.39
N GLU G 73 30.34 -26.07 15.23
CA GLU G 73 28.99 -25.50 14.99
C GLU G 73 29.14 -24.14 14.31
N TRP G 74 28.37 -23.95 13.24
CA TRP G 74 28.28 -22.68 12.47
C TRP G 74 26.86 -22.13 12.58
N CYS G 75 26.74 -20.83 12.83
CA CYS G 75 25.48 -20.16 13.23
C CYS G 75 25.08 -19.11 12.19
N TRP G 76 23.88 -19.23 11.64
CA TRP G 76 23.23 -18.17 10.83
C TRP G 76 22.13 -17.52 11.67
N ASP G 77 22.19 -16.20 11.84
CA ASP G 77 21.20 -15.44 12.64
C ASP G 77 20.80 -14.15 11.90
N GLY G 78 20.84 -14.19 10.56
CA GLY G 78 20.26 -13.15 9.67
C GLY G 78 21.31 -12.31 8.96
N ASN G 79 22.58 -12.42 9.34
CA ASN G 79 23.66 -11.48 8.90
C ASN G 79 24.83 -12.22 8.27
N GLY G 80 25.33 -13.28 8.92
CA GLY G 80 26.50 -14.05 8.45
C GLY G 80 26.73 -15.29 9.27
N TRP G 81 27.52 -16.23 8.76
CA TRP G 81 27.90 -17.49 9.45
C TRP G 81 29.01 -17.18 10.45
N THR G 82 28.77 -17.51 11.73
CA THR G 82 29.72 -17.27 12.85
C THR G 82 29.92 -18.57 13.63
N LYS G 83 31.07 -18.68 14.30
CA LYS G 83 31.45 -19.86 15.13
C LYS G 83 30.51 -19.93 16.33
N GLY G 84 29.91 -21.10 16.58
CA GLY G 84 29.06 -21.37 17.74
C GLY G 84 29.85 -21.96 18.89
N ALA G 85 29.20 -22.11 20.05
CA ALA G 85 29.82 -22.55 21.31
C ALA G 85 29.83 -24.07 21.43
N TYR G 86 29.17 -24.80 20.53
CA TYR G 86 29.04 -26.28 20.62
C TYR G 86 30.42 -26.91 20.79
N THR G 87 30.53 -27.83 21.75
CA THR G 87 31.67 -28.77 21.91
C THR G 87 31.14 -30.17 22.27
N ALA G 88 31.99 -31.19 22.12
CA ALA G 88 31.73 -32.60 22.52
C ALA G 88 33.06 -33.26 22.92
N SER H 1 38.24 -41.94 8.81
CA SER H 1 36.90 -41.32 8.55
C SER H 1 36.62 -40.24 9.60
N SER H 2 35.39 -39.72 9.63
CA SER H 2 34.90 -38.73 10.63
C SER H 2 33.72 -39.32 11.41
N VAL H 3 33.39 -38.73 12.56
CA VAL H 3 32.14 -39.01 13.31
C VAL H 3 30.95 -38.61 12.44
N GLN H 4 29.76 -39.12 12.75
CA GLN H 4 28.51 -38.83 12.01
C GLN H 4 27.52 -38.24 13.01
N THR H 5 26.94 -37.08 12.71
CA THR H 5 26.02 -36.36 13.64
C THR H 5 24.61 -36.22 13.04
N ALA H 6 23.64 -36.02 13.92
CA ALA H 6 22.23 -35.69 13.62
C ALA H 6 21.79 -34.63 14.62
N ALA H 7 20.93 -33.69 14.21
CA ALA H 7 20.53 -32.53 15.03
C ALA H 7 19.03 -32.29 14.89
N THR H 8 18.41 -31.86 15.99
CA THR H 8 17.01 -31.38 16.04
C THR H 8 16.95 -30.20 17.01
N SER H 9 15.91 -29.38 16.88
CA SER H 9 15.68 -28.18 17.72
C SER H 9 14.18 -27.93 17.85
N TRP H 10 13.77 -27.21 18.89
CA TRP H 10 12.36 -26.81 19.09
C TRP H 10 12.28 -25.50 19.86
N GLY H 11 11.16 -24.79 19.69
CA GLY H 11 10.88 -23.49 20.31
C GLY H 11 11.79 -22.39 19.81
N THR H 12 11.73 -21.22 20.45
CA THR H 12 12.41 -19.98 20.01
C THR H 12 13.70 -19.73 20.81
N VAL H 13 13.95 -20.47 21.90
CA VAL H 13 15.13 -20.21 22.78
C VAL H 13 16.42 -20.35 21.99
N PRO H 14 16.69 -21.46 21.25
CA PRO H 14 15.88 -22.68 21.26
C PRO H 14 16.44 -23.76 22.20
N SER H 15 15.81 -24.93 22.21
CA SER H 15 16.43 -26.20 22.67
C SER H 15 17.02 -26.92 21.45
N ILE H 16 18.27 -27.40 21.55
CA ILE H 16 18.97 -28.16 20.48
C ILE H 16 19.46 -29.48 21.07
N ARG H 17 19.32 -30.57 20.32
CA ARG H 17 19.93 -31.87 20.64
C ARG H 17 20.79 -32.30 19.45
N VAL H 18 22.05 -32.64 19.69
CA VAL H 18 23.01 -33.14 18.66
C VAL H 18 23.46 -34.54 19.08
N TYR H 19 23.24 -35.53 18.21
CA TYR H 19 23.63 -36.95 18.41
C TYR H 19 24.86 -37.23 17.57
N THR H 20 25.86 -37.89 18.16
CA THR H 20 27.14 -38.23 17.49
C THR H 20 27.36 -39.73 17.55
N ALA H 21 27.47 -40.37 16.39
CA ALA H 21 27.93 -41.78 16.23
C ALA H 21 29.46 -41.76 16.10
N ASN H 22 30.15 -42.32 17.10
CA ASN H 22 31.64 -42.27 17.23
C ASN H 22 32.11 -43.68 17.62
N ASN H 23 32.74 -44.39 16.68
CA ASN H 23 33.35 -45.73 16.92
C ASN H 23 32.31 -46.64 17.60
N GLY H 24 31.08 -46.67 17.08
CA GLY H 24 30.04 -47.64 17.47
C GLY H 24 29.18 -47.18 18.65
N LYS H 25 29.44 -45.99 19.20
CA LYS H 25 28.68 -45.42 20.34
C LYS H 25 28.02 -44.10 19.92
N ILE H 26 26.73 -43.94 20.23
CA ILE H 26 25.97 -42.67 19.99
C ILE H 26 25.76 -41.97 21.34
N THR H 27 26.20 -40.73 21.43
CA THR H 27 26.00 -39.87 22.62
C THR H 27 25.24 -38.60 22.20
N GLU H 28 24.75 -37.84 23.18
CA GLU H 28 23.84 -36.70 22.98
C GLU H 28 24.42 -35.47 23.69
N ARG H 29 24.50 -34.34 22.98
CA ARG H 29 24.82 -33.01 23.56
C ARG H 29 23.58 -32.13 23.45
N CYS H 30 23.33 -31.31 24.46
CA CYS H 30 22.07 -30.57 24.69
C CYS H 30 22.35 -29.11 24.98
N ALA H 31 21.52 -28.20 24.44
CA ALA H 31 21.48 -26.77 24.79
C ALA H 31 20.03 -26.35 25.01
N ASP H 32 19.75 -25.63 26.11
CA ASP H 32 18.41 -25.09 26.45
C ASP H 32 18.54 -23.60 26.77
N GLY H 33 19.54 -22.92 26.19
CA GLY H 33 19.70 -21.45 26.24
C GLY H 33 20.72 -20.97 27.26
N LYS H 34 21.55 -21.87 27.83
CA LYS H 34 22.60 -21.49 28.81
C LYS H 34 23.66 -22.60 28.90
N GLY H 35 24.34 -22.88 27.79
CA GLY H 35 25.54 -23.74 27.72
C GLY H 35 25.19 -25.17 27.30
N TRP H 36 26.18 -25.89 26.76
CA TRP H 36 26.03 -27.29 26.30
C TRP H 36 26.30 -28.27 27.45
N TYR H 37 25.52 -29.36 27.50
CA TYR H 37 25.68 -30.45 28.50
C TYR H 37 25.40 -31.80 27.84
N THR H 38 25.89 -32.87 28.44
CA THR H 38 25.73 -34.27 27.96
C THR H 38 24.35 -34.77 28.38
N GLY H 39 23.56 -35.26 27.43
CA GLY H 39 22.18 -35.71 27.64
C GLY H 39 22.11 -37.17 28.08
N ALA H 40 20.90 -37.63 28.38
CA ALA H 40 20.61 -38.98 28.90
C ALA H 40 20.78 -40.05 27.81
N PHE H 41 20.71 -39.68 26.53
CA PHE H 41 20.74 -40.67 25.42
C PHE H 41 22.15 -41.27 25.28
N ASN H 42 22.25 -42.59 25.45
CA ASN H 42 23.50 -43.37 25.21
CA ASN H 42 23.49 -43.38 25.25
C ASN H 42 23.10 -44.77 24.74
N GLU H 43 23.26 -45.03 23.44
CA GLU H 43 22.95 -46.34 22.82
C GLU H 43 23.99 -46.67 21.75
N PRO H 44 24.23 -47.97 21.46
CA PRO H 44 25.13 -48.36 20.37
C PRO H 44 24.62 -47.96 18.98
N GLY H 45 25.55 -47.70 18.06
CA GLY H 45 25.24 -47.40 16.65
C GLY H 45 26.41 -46.75 15.93
N ASP H 46 26.52 -47.00 14.62
CA ASP H 46 27.53 -46.38 13.73
C ASP H 46 26.88 -45.26 12.92
N ASN H 47 25.55 -45.22 12.87
CA ASN H 47 24.76 -44.21 12.12
C ASN H 47 23.58 -43.77 12.98
N VAL H 48 23.23 -42.47 12.93
CA VAL H 48 22.09 -41.91 13.70
C VAL H 48 21.33 -40.89 12.84
N SER H 49 20.01 -40.91 12.92
CA SER H 49 19.12 -39.82 12.46
C SER H 49 18.13 -39.50 13.59
N VAL H 50 17.48 -38.35 13.52
CA VAL H 50 16.55 -37.87 14.58
C VAL H 50 15.44 -37.04 13.93
N THR H 51 14.25 -37.09 14.51
CA THR H 51 13.15 -36.13 14.27
C THR H 51 12.49 -35.87 15.62
N SER H 52 11.84 -34.71 15.76
CA SER H 52 11.11 -34.32 16.99
C SER H 52 9.87 -33.51 16.63
N TRP H 53 8.86 -33.51 17.50
CA TRP H 53 7.64 -32.69 17.38
C TRP H 53 7.20 -32.23 18.77
N LEU H 54 6.51 -31.09 18.84
CA LEU H 54 5.94 -30.53 20.09
C LEU H 54 4.45 -30.90 20.16
N VAL H 55 3.99 -31.27 21.35
CA VAL H 55 2.55 -31.22 21.74
C VAL H 55 2.44 -30.16 22.84
N GLY H 56 2.00 -28.95 22.48
CA GLY H 56 2.06 -27.76 23.34
C GLY H 56 3.50 -27.35 23.59
N SER H 57 4.02 -27.60 24.79
CA SER H 57 5.42 -27.31 25.19
CA SER H 57 5.43 -27.31 25.16
C SER H 57 6.20 -28.62 25.40
N ALA H 58 5.52 -29.77 25.27
CA ALA H 58 6.09 -31.12 25.50
C ALA H 58 6.81 -31.61 24.25
N ILE H 59 8.13 -31.79 24.33
CA ILE H 59 8.96 -32.32 23.20
C ILE H 59 8.84 -33.85 23.16
N HIS H 60 8.75 -34.40 21.97
CA HIS H 60 8.84 -35.86 21.68
C HIS H 60 9.96 -36.04 20.66
N ILE H 61 10.92 -36.92 20.95
CA ILE H 61 12.12 -37.16 20.09
C ILE H 61 12.14 -38.64 19.69
N ARG H 62 12.41 -38.91 18.41
CA ARG H 62 12.67 -40.27 17.90
C ARG H 62 14.07 -40.29 17.29
N VAL H 63 14.94 -41.14 17.83
CA VAL H 63 16.34 -41.34 17.36
C VAL H 63 16.43 -42.72 16.72
N TYR H 64 16.96 -42.79 15.51
CA TYR H 64 17.14 -44.04 14.72
C TYR H 64 18.62 -44.38 14.69
N ALA H 65 19.00 -45.40 15.46
CA ALA H 65 20.39 -45.88 15.65
C ALA H 65 20.58 -47.16 14.83
N SER H 66 21.60 -47.19 13.96
CA SER H 66 21.87 -48.32 13.04
C SER H 66 23.24 -48.94 13.32
N THR H 67 23.26 -50.26 13.45
CA THR H 67 24.47 -51.14 13.43
C THR H 67 24.22 -52.19 12.34
N GLY H 68 25.12 -52.30 11.36
CA GLY H 68 24.90 -53.11 10.15
C GLY H 68 23.58 -52.75 9.50
N THR H 69 22.69 -53.74 9.33
CA THR H 69 21.36 -53.57 8.68
C THR H 69 20.24 -53.44 9.72
N THR H 70 20.57 -53.37 11.01
CA THR H 70 19.59 -53.31 12.14
C THR H 70 19.46 -51.88 12.64
N THR H 71 18.29 -51.26 12.40
CA THR H 71 17.93 -49.91 12.90
C THR H 71 17.00 -50.07 14.11
N THR H 72 17.38 -49.49 15.26
CA THR H 72 16.59 -49.43 16.51
C THR H 72 16.08 -48.00 16.70
N GLU H 73 14.78 -47.85 16.97
CA GLU H 73 14.14 -46.54 17.30
C GLU H 73 14.13 -46.37 18.81
N TRP H 74 14.56 -45.19 19.28
CA TRP H 74 14.53 -44.78 20.70
C TRP H 74 13.62 -43.56 20.86
N CYS H 75 12.81 -43.56 21.91
CA CYS H 75 11.68 -42.61 22.10
C CYS H 75 11.89 -41.83 23.40
N TRP H 76 11.95 -40.49 23.29
CA TRP H 76 11.85 -39.56 24.44
C TRP H 76 10.45 -38.95 24.44
N ASP H 77 9.73 -39.03 25.57
CA ASP H 77 8.38 -38.46 25.74
C ASP H 77 8.26 -37.83 27.12
N GLY H 78 9.38 -37.36 27.69
CA GLY H 78 9.42 -36.51 28.89
C GLY H 78 9.99 -37.22 30.11
N ASN H 79 10.03 -38.55 30.13
CA ASN H 79 10.30 -39.34 31.36
C ASN H 79 11.55 -40.21 31.21
N GLY H 80 11.94 -40.58 29.99
CA GLY H 80 13.10 -41.47 29.75
C GLY H 80 13.09 -42.05 28.35
N TRP H 81 14.19 -42.67 27.94
CA TRP H 81 14.35 -43.25 26.58
C TRP H 81 13.82 -44.70 26.59
N THR H 82 12.81 -44.98 25.76
CA THR H 82 12.21 -46.32 25.58
C THR H 82 12.44 -46.78 24.15
N LYS H 83 12.64 -48.08 23.93
CA LYS H 83 12.73 -48.67 22.57
C LYS H 83 11.36 -48.54 21.91
N GLY H 84 11.33 -48.04 20.67
CA GLY H 84 10.10 -47.83 19.89
C GLY H 84 9.73 -49.04 19.05
N ALA H 85 8.55 -49.01 18.44
CA ALA H 85 7.97 -50.13 17.66
C ALA H 85 8.60 -50.23 16.27
N TYR H 86 9.38 -49.24 15.84
CA TYR H 86 9.96 -49.20 14.47
C TYR H 86 10.67 -50.52 14.16
N THR H 87 10.39 -51.09 12.97
CA THR H 87 11.14 -52.21 12.35
C THR H 87 11.37 -51.89 10.88
N ALA H 88 12.36 -52.53 10.26
CA ALA H 88 12.71 -52.40 8.82
C ALA H 88 11.58 -52.98 7.96
N SER I 2 27.54 -49.89 8.03
CA SER I 2 26.12 -49.84 8.48
C SER I 2 25.26 -49.16 7.42
N VAL I 3 23.94 -49.38 7.47
CA VAL I 3 22.94 -48.62 6.66
C VAL I 3 22.95 -47.17 7.16
N GLN I 4 22.47 -46.25 6.31
CA GLN I 4 22.41 -44.79 6.58
C GLN I 4 20.94 -44.37 6.57
N THR I 5 20.46 -43.68 7.61
CA THR I 5 19.03 -43.28 7.70
C THR I 5 18.87 -41.77 7.74
N ALA I 6 17.67 -41.32 7.39
CA ALA I 6 17.17 -39.93 7.52
C ALA I 6 15.72 -40.02 7.97
N ALA I 7 15.29 -39.06 8.80
CA ALA I 7 13.93 -39.05 9.38
C ALA I 7 13.30 -37.66 9.25
N THR I 8 12.00 -37.63 9.01
CA THR I 8 11.15 -36.41 9.06
C THR I 8 9.83 -36.78 9.73
N SER I 9 9.13 -35.78 10.27
CA SER I 9 7.82 -35.94 10.94
C SER I 9 7.01 -34.66 10.76
N TRP I 10 5.68 -34.76 10.87
CA TRP I 10 4.77 -33.60 10.79
C TRP I 10 3.53 -33.84 11.65
N GLY I 11 2.88 -32.73 12.03
CA GLY I 11 1.70 -32.73 12.93
C GLY I 11 2.08 -33.16 14.34
N THR I 12 1.07 -33.57 15.12
CA THR I 12 1.20 -33.91 16.56
C THR I 12 0.81 -35.37 16.83
N VAL I 13 0.38 -36.12 15.80
CA VAL I 13 -0.06 -37.54 15.94
C VAL I 13 1.09 -38.39 16.45
N PRO I 14 2.30 -38.39 15.82
CA PRO I 14 2.59 -37.72 14.56
C PRO I 14 2.57 -38.66 13.34
N SER I 15 2.87 -38.12 12.16
CA SER I 15 3.33 -38.88 10.98
C SER I 15 4.86 -38.84 10.94
N ILE I 16 5.51 -40.00 10.80
CA ILE I 16 7.00 -40.13 10.69
C ILE I 16 7.30 -40.85 9.37
N ARG I 17 8.35 -40.42 8.67
CA ARG I 17 8.92 -41.16 7.53
C ARG I 17 10.41 -41.36 7.80
N VAL I 18 10.88 -42.61 7.75
CA VAL I 18 12.32 -42.98 7.93
C VAL I 18 12.82 -43.58 6.62
N TYR I 19 13.89 -43.00 6.07
CA TYR I 19 14.54 -43.42 4.79
C TYR I 19 15.84 -44.15 5.13
N THR I 20 16.08 -45.29 4.50
CA THR I 20 17.30 -46.13 4.73
C THR I 20 18.02 -46.33 3.41
N ALA I 21 19.29 -45.89 3.32
CA ALA I 21 20.22 -46.20 2.22
C ALA I 21 20.95 -47.49 2.55
N ASN I 22 20.81 -48.51 1.70
CA ASN I 22 21.33 -49.88 1.91
C ASN I 22 21.59 -50.51 0.54
N ASN I 23 22.82 -50.94 0.29
CA ASN I 23 23.22 -51.66 -0.96
C ASN I 23 22.80 -50.84 -2.19
N GLY I 24 22.97 -49.53 -2.12
CA GLY I 24 22.78 -48.60 -3.25
C GLY I 24 21.33 -48.21 -3.47
N LYS I 25 20.42 -48.59 -2.57
CA LYS I 25 18.96 -48.34 -2.71
C LYS I 25 18.42 -47.67 -1.45
N ILE I 26 17.57 -46.66 -1.63
CA ILE I 26 16.86 -45.97 -0.52
C ILE I 26 15.41 -46.46 -0.49
N THR I 27 14.96 -46.96 0.66
CA THR I 27 13.56 -47.37 0.92
C THR I 27 13.01 -46.56 2.09
N GLU I 28 11.70 -46.66 2.33
CA GLU I 28 10.92 -45.76 3.22
C GLU I 28 10.03 -46.61 4.13
N ARG I 29 10.03 -46.31 5.43
CA ARG I 29 9.10 -46.87 6.43
C ARG I 29 8.27 -45.72 7.00
N CYS I 30 6.99 -45.96 7.29
CA CYS I 30 5.99 -44.91 7.60
C CYS I 30 5.18 -45.28 8.84
N ALA I 31 4.81 -44.29 9.65
CA ALA I 31 3.85 -44.41 10.76
C ALA I 31 2.98 -43.15 10.81
N ASP I 32 1.67 -43.33 11.03
CA ASP I 32 0.65 -42.24 11.08
C ASP I 32 -0.23 -42.44 12.33
N GLY I 33 0.35 -42.96 13.42
CA GLY I 33 -0.32 -43.09 14.73
C GLY I 33 -0.69 -44.52 15.08
N LYS I 34 -0.59 -45.45 14.11
CA LYS I 34 -0.84 -46.90 14.30
C LYS I 34 0.48 -47.65 14.14
N GLY I 35 0.51 -48.75 13.38
CA GLY I 35 1.71 -49.55 13.11
C GLY I 35 2.55 -48.96 12.00
N TRP I 36 3.77 -49.47 11.82
CA TRP I 36 4.69 -49.11 10.72
C TRP I 36 4.32 -49.86 9.45
N TYR I 37 4.44 -49.21 8.31
CA TYR I 37 4.21 -49.80 6.96
C TYR I 37 5.29 -49.30 5.99
N THR I 38 5.50 -50.05 4.91
CA THR I 38 6.49 -49.73 3.86
C THR I 38 5.90 -48.65 2.95
N GLY I 39 6.64 -47.57 2.73
CA GLY I 39 6.22 -46.42 1.91
C GLY I 39 6.46 -46.65 0.44
N ALA I 40 5.96 -45.75 -0.40
CA ALA I 40 6.03 -45.83 -1.88
C ALA I 40 7.45 -45.54 -2.38
N PHE I 41 8.30 -44.86 -1.60
CA PHE I 41 9.62 -44.38 -2.09
C PHE I 41 10.60 -45.55 -2.25
N ASN I 42 11.16 -45.69 -3.45
CA ASN I 42 12.23 -46.67 -3.75
C ASN I 42 13.06 -46.15 -4.93
N GLU I 43 14.19 -45.50 -4.64
CA GLU I 43 15.12 -44.93 -5.66
C GLU I 43 16.56 -45.14 -5.22
N PRO I 44 17.54 -45.10 -6.16
CA PRO I 44 18.94 -45.35 -5.82
C PRO I 44 19.58 -44.29 -4.92
N GLY I 45 20.51 -44.71 -4.07
CA GLY I 45 21.34 -43.80 -3.25
C GLY I 45 22.16 -44.56 -2.23
N ASP I 46 23.36 -44.07 -1.94
CA ASP I 46 24.25 -44.58 -0.86
C ASP I 46 24.11 -43.70 0.39
N ASN I 47 23.75 -42.42 0.18
CA ASN I 47 23.52 -41.43 1.25
C ASN I 47 22.14 -40.81 1.04
N VAL I 48 21.46 -40.44 2.14
CA VAL I 48 20.10 -39.85 2.10
C VAL I 48 19.98 -38.76 3.16
N SER I 49 19.38 -37.63 2.79
CA SER I 49 18.79 -36.65 3.74
C SER I 49 17.35 -36.35 3.30
N VAL I 50 16.56 -35.78 4.20
CA VAL I 50 15.12 -35.50 3.95
C VAL I 50 14.70 -34.26 4.71
N THR I 51 13.77 -33.51 4.13
CA THR I 51 13.01 -32.44 4.83
C THR I 51 11.57 -32.50 4.32
N SER I 52 10.64 -31.97 5.09
CA SER I 52 9.21 -31.92 4.71
C SER I 52 8.58 -30.64 5.26
N TRP I 53 7.47 -30.23 4.64
CA TRP I 53 6.67 -29.06 5.09
C TRP I 53 5.21 -29.30 4.72
N LEU I 54 4.30 -28.72 5.52
CA LEU I 54 2.84 -28.78 5.29
C LEU I 54 2.40 -27.53 4.53
N VAL I 55 1.58 -27.71 3.49
CA VAL I 55 0.79 -26.63 2.85
C VAL I 55 -0.68 -26.91 3.21
N GLY I 56 -1.17 -26.27 4.27
CA GLY I 56 -2.43 -26.66 4.95
C GLY I 56 -2.31 -28.08 5.48
N SER I 57 -3.13 -29.00 4.95
CA SER I 57 -3.18 -30.43 5.36
C SER I 57 -2.26 -31.30 4.49
N ALA I 58 -1.74 -30.74 3.38
CA ALA I 58 -0.98 -31.48 2.35
C ALA I 58 0.51 -31.51 2.72
N ILE I 59 1.08 -32.71 2.89
CA ILE I 59 2.53 -32.89 3.18
C ILE I 59 3.31 -32.87 1.87
N HIS I 60 4.44 -32.17 1.86
CA HIS I 60 5.44 -32.18 0.76
C HIS I 60 6.76 -32.68 1.34
N ILE I 61 7.40 -33.66 0.69
CA ILE I 61 8.67 -34.28 1.16
C ILE I 61 9.70 -34.11 0.06
N ARG I 62 10.92 -33.74 0.44
CA ARG I 62 12.09 -33.70 -0.48
C ARG I 62 13.16 -34.63 0.08
N VAL I 63 13.52 -35.66 -0.68
CA VAL I 63 14.59 -36.64 -0.33
C VAL I 63 15.79 -36.34 -1.23
N TYR I 64 16.97 -36.17 -0.64
CA TYR I 64 18.25 -35.92 -1.35
C TYR I 64 19.07 -37.22 -1.31
N ALA I 65 19.08 -37.90 -2.46
CA ALA I 65 19.74 -39.21 -2.68
C ALA I 65 21.07 -38.98 -3.36
N SER I 66 22.17 -39.40 -2.74
CA SER I 66 23.56 -39.21 -3.23
C SER I 66 24.19 -40.54 -3.61
N THR I 67 24.76 -40.60 -4.82
CA THR I 67 25.62 -41.69 -5.34
C THR I 67 26.86 -41.04 -5.96
N GLY I 68 28.05 -41.37 -5.46
CA GLY I 68 29.30 -40.67 -5.81
C GLY I 68 29.19 -39.19 -5.47
N THR I 69 29.38 -38.31 -6.46
CA THR I 69 29.32 -36.83 -6.30
C THR I 69 28.00 -36.28 -6.84
N THR I 70 27.05 -37.15 -7.24
CA THR I 70 25.74 -36.76 -7.84
C THR I 70 24.64 -36.90 -6.80
N THR I 71 23.98 -35.80 -6.44
CA THR I 71 22.79 -35.78 -5.54
C THR I 71 21.55 -35.53 -6.40
N THR I 72 20.59 -36.46 -6.35
CA THR I 72 19.27 -36.38 -7.02
C THR I 72 18.21 -36.06 -5.97
N GLU I 73 17.38 -35.04 -6.23
CA GLU I 73 16.25 -34.64 -5.36
C GLU I 73 15.00 -35.38 -5.83
N TRP I 74 14.28 -36.01 -4.88
CA TRP I 74 13.00 -36.71 -5.11
C TRP I 74 11.88 -35.99 -4.36
N CYS I 75 10.76 -35.79 -5.03
CA CYS I 75 9.65 -34.90 -4.57
C CYS I 75 8.37 -35.71 -4.38
N TRP I 76 7.82 -35.68 -3.17
CA TRP I 76 6.43 -36.15 -2.89
C TRP I 76 5.54 -34.92 -2.70
N ASP I 77 4.48 -34.82 -3.49
CA ASP I 77 3.49 -33.71 -3.42
C ASP I 77 2.08 -34.30 -3.48
N GLY I 78 1.90 -35.53 -2.98
CA GLY I 78 0.59 -36.17 -2.78
C GLY I 78 0.27 -37.28 -3.77
N ASN I 79 0.93 -37.32 -4.94
CA ASN I 79 0.46 -38.16 -6.08
C ASN I 79 1.53 -39.18 -6.54
N GLY I 80 2.80 -38.96 -6.22
CA GLY I 80 3.89 -39.85 -6.67
C GLY I 80 5.25 -39.23 -6.42
N TRP I 81 6.31 -40.03 -6.49
CA TRP I 81 7.71 -39.57 -6.28
C TRP I 81 8.32 -39.18 -7.62
N THR I 82 8.64 -37.89 -7.80
CA THR I 82 9.15 -37.33 -9.07
C THR I 82 10.50 -36.63 -8.83
N LYS I 83 11.35 -36.61 -9.86
CA LYS I 83 12.68 -35.95 -9.83
C LYS I 83 12.48 -34.44 -9.72
N GLY I 84 13.22 -33.79 -8.81
CA GLY I 84 13.20 -32.33 -8.62
C GLY I 84 14.31 -31.65 -9.40
N ALA I 85 14.37 -30.32 -9.33
CA ALA I 85 15.31 -29.48 -10.11
C ALA I 85 16.59 -29.19 -9.32
N TYR I 86 16.78 -29.81 -8.15
CA TYR I 86 18.00 -29.59 -7.31
C TYR I 86 19.24 -29.96 -8.11
N THR I 87 20.27 -29.12 -8.02
CA THR I 87 21.68 -29.47 -8.41
C THR I 87 22.64 -28.90 -7.37
N ALA I 88 23.80 -29.56 -7.21
CA ALA I 88 24.91 -29.13 -6.33
C ALA I 88 25.61 -27.91 -6.97
N THR I 89 26.56 -27.31 -6.25
CA THR I 89 27.29 -26.08 -6.68
C THR I 89 28.06 -26.37 -7.98
C1 MFU J . -18.07 41.13 10.59
C2 MFU J . -17.28 39.83 10.42
C3 MFU J . -18.17 38.73 9.86
C4 MFU J . -18.85 39.21 8.57
C5 MFU J . -19.63 40.49 8.86
C6 MFU J . -20.33 41.04 7.62
O1 MFU J . -19.01 40.96 11.65
O2 MFU J . -16.73 39.41 11.68
O3 MFU J . -17.40 37.55 9.61
O4 MFU J . -17.88 39.47 7.54
O5 MFU J . -18.73 41.48 9.37
CM MFU J . -19.86 42.09 11.85
C1 MFU K . -29.77 30.01 1.81
C2 MFU K . -28.82 28.91 1.31
C3 MFU K . -28.91 28.76 -0.19
C4 MFU K . -28.69 30.11 -0.88
C5 MFU K . -29.71 31.09 -0.32
C6 MFU K . -29.60 32.47 -0.95
O1 MFU K . -31.12 29.59 1.61
O2 MFU K . -29.15 27.66 1.93
O3 MFU K . -27.94 27.79 -0.60
O4 MFU K . -27.37 30.61 -0.62
O5 MFU K . -29.52 31.22 1.08
CM MFU K . -32.08 30.52 2.13
N GLY L . -26.53 32.69 8.51
CA GLY L . -27.34 32.84 9.76
C GLY L . -27.48 34.29 10.17
O GLY L . -26.59 35.10 9.91
OXT GLY L . -28.48 34.69 10.76
C1 MFU M . -30.46 30.10 -16.19
C2 MFU M . -29.17 29.37 -16.55
C3 MFU M . -28.33 30.22 -17.51
C4 MFU M . -28.12 31.60 -16.89
C5 MFU M . -29.46 32.24 -16.53
C6 MFU M . -29.29 33.61 -15.89
O1 MFU M . -31.25 30.21 -17.38
O2 MFU M . -29.48 28.10 -17.14
O3 MFU M . -27.09 29.54 -17.75
O4 MFU M . -27.32 31.50 -15.71
O5 MFU M . -30.17 31.39 -15.64
CM MFU M . -32.50 30.87 -17.18
C1 MFU N . -20.91 42.14 -25.44
C2 MFU N . -19.52 41.52 -25.54
C3 MFU N . -18.47 42.51 -25.06
C4 MFU N . -18.83 43.04 -23.68
C5 MFU N . -20.21 43.67 -23.74
C6 MFU N . -20.65 44.28 -22.42
O1 MFU N . -21.01 43.17 -26.42
O2 MFU N . -19.25 41.15 -26.90
O3 MFU N . -17.19 41.87 -25.08
O4 MFU N . -18.82 41.98 -22.72
O5 MFU N . -21.14 42.66 -24.13
CM MFU N . -22.33 43.70 -26.52
N GLY O . -25.87 36.22 -25.35
CA GLY O . -26.95 36.55 -26.34
C GLY O . -28.33 36.55 -25.71
O GLY O . -28.54 36.06 -24.60
OXT GLY O . -29.28 37.06 -26.32
C1 MFU P . -9.15 53.14 -16.97
C2 MFU P . -8.05 52.13 -16.68
C3 MFU P . -7.71 52.16 -15.18
C4 MFU P . -8.97 51.92 -14.34
C5 MFU P . -9.99 52.99 -14.71
C6 MFU P . -11.30 52.81 -13.93
O1 MFU P . -8.65 54.46 -16.77
O2 MFU P . -6.88 52.40 -17.46
O3 MFU P . -6.69 51.19 -14.90
O4 MFU P . -9.54 50.63 -14.59
O5 MFU P . -10.28 52.90 -16.10
CM MFU P . -9.57 55.45 -17.22
C1 MFU Q . -7.75 52.88 1.41
C2 MFU Q . -6.92 51.61 1.59
C3 MFU Q . -7.65 50.61 2.45
C4 MFU Q . -9.03 50.33 1.86
C5 MFU Q . -9.79 51.64 1.70
C6 MFU Q . -11.18 51.42 1.09
O1 MFU Q . -7.87 53.51 2.69
O2 MFU Q . -5.66 51.91 2.21
O3 MFU Q . -6.87 49.42 2.55
O4 MFU Q . -8.92 49.69 0.58
O5 MFU Q . -9.04 52.55 0.88
CM MFU Q . -8.52 54.78 2.64
N GLY R . -5.18 55.47 -5.79
CA GLY R . -4.85 56.92 -5.78
C GLY R . -5.77 57.74 -6.67
O GLY R . -6.36 57.21 -7.62
OXT GLY R . -5.94 58.94 -6.45
C1 MFU S . -20.61 -6.52 -8.58
C2 MFU S . -19.54 -7.40 -9.25
C3 MFU S . -18.64 -6.57 -10.14
C4 MFU S . -18.07 -5.37 -9.38
C5 MFU S . -19.23 -4.57 -8.78
C6 MFU S . -18.75 -3.34 -8.02
O1 MFU S . -21.52 -6.06 -9.58
O2 MFU S . -20.15 -8.42 -10.05
O3 MFU S . -17.62 -7.41 -10.66
O4 MFU S . -17.21 -5.78 -8.30
O5 MFU S . -19.98 -5.41 -7.91
CM MFU S . -22.63 -5.35 -9.03
C1 MFU T . -10.25 5.44 -17.77
C2 MFU T . -9.06 4.55 -18.10
C3 MFU T . -7.77 5.19 -17.60
C4 MFU T . -7.90 5.52 -16.10
C5 MFU T . -9.12 6.42 -15.90
C6 MFU T . -9.32 6.81 -14.44
O1 MFU T . -10.17 6.63 -18.55
O2 MFU T . -8.97 4.35 -19.51
O3 MFU T . -6.67 4.33 -17.89
O4 MFU T . -8.05 4.34 -15.32
O5 MFU T . -10.28 5.74 -16.37
CM MFU T . -11.27 7.52 -18.35
N GLY U . -16.21 0.25 -17.31
CA GLY U . -17.38 0.72 -18.10
C GLY U . -18.63 0.85 -17.25
O GLY U . -18.74 0.22 -16.21
OXT GLY U . -19.56 1.59 -17.59
C1 MFU V . 3.84 13.27 -9.24
C2 MFU V . 4.77 12.07 -9.31
C3 MFU V . 5.36 11.83 -7.92
C4 MFU V . 4.23 11.60 -6.92
C5 MFU V . 3.31 12.81 -6.93
C6 MFU V . 2.13 12.64 -5.97
O1 MFU V . 4.60 14.44 -8.94
O2 MFU V . 5.82 12.30 -10.28
O3 MFU V . 6.27 10.72 -7.96
O4 MFU V . 3.48 10.42 -7.25
O5 MFU V . 2.82 13.02 -8.25
CM MFU V . 3.81 15.63 -8.89
C1 MFU W . 7.00 9.81 8.26
C2 MFU W . 7.71 8.46 8.24
C3 MFU W . 6.96 7.46 9.10
C4 MFU W . 5.48 7.39 8.70
C5 MFU W . 4.90 8.79 8.83
C6 MFU W . 3.42 8.83 8.47
O1 MFU W . 7.16 10.37 9.57
O2 MFU W . 9.05 8.61 8.72
O3 MFU W . 7.60 6.19 8.97
O4 MFU W . 5.32 6.95 7.35
O5 MFU W . 5.61 9.66 7.94
CM MFU W . 6.81 11.75 9.62
N GLY X . 8.82 13.90 3.12
CA GLY X . 8.82 14.05 1.63
C GLY X . 8.28 15.39 1.19
O GLY X . 7.56 15.47 0.20
OXT GLY X . 8.53 16.43 1.80
C1 MFU Y . -3.02 -2.32 17.16
C2 MFU Y . -2.42 -3.57 16.53
C3 MFU Y . -3.53 -4.49 16.05
C4 MFU Y . -4.37 -3.73 15.03
C5 MFU Y . -4.93 -2.46 15.69
C6 MFU Y . -5.77 -1.64 14.73
O1 MFU Y . -3.73 -2.75 18.32
O2 MFU Y . -1.59 -4.23 17.49
O3 MFU Y . -2.96 -5.68 15.51
O4 MFU Y . -3.60 -3.35 13.89
O5 MFU Y . -3.87 -1.66 16.20
CM MFU Y . -4.46 -1.71 18.98
C1 MFU Z . -17.21 -10.35 9.14
C2 MFU Z . -16.51 -11.41 8.32
C3 MFU Z . -16.93 -11.33 6.86
C4 MFU Z . -16.68 -9.91 6.35
C5 MFU Z . -17.45 -8.92 7.22
C6 MFU Z . -17.26 -7.48 6.76
O1 MFU Z . -18.60 -10.66 9.16
O2 MFU Z . -16.84 -12.71 8.84
O3 MFU Z . -16.22 -12.32 6.13
O4 MFU Z . -15.28 -9.57 6.43
O5 MFU Z . -17.02 -9.04 8.58
CM MFU Z . -19.25 -10.10 10.31
C1 MFU AA . 20.95 -17.18 2.19
C2 MFU AA . 22.28 -17.93 2.22
C3 MFU AA . 22.80 -18.07 3.65
C4 MFU AA . 21.71 -18.65 4.55
C5 MFU AA . 20.49 -17.74 4.48
C6 MFU AA . 19.34 -18.19 5.37
O1 MFU AA . 21.22 -15.81 2.48
O2 MFU AA . 23.26 -17.26 1.41
O3 MFU AA . 23.97 -18.89 3.66
O4 MFU AA . 21.34 -19.97 4.14
O5 MFU AA . 20.02 -17.75 3.13
CM MFU AA . 20.05 -14.98 2.48
C1 MFU BA . 24.58 -19.57 20.04
C2 MFU BA . 25.60 -20.69 19.97
C3 MFU BA . 25.13 -21.90 20.75
C4 MFU BA . 23.74 -22.32 20.29
C5 MFU BA . 22.78 -21.14 20.41
C6 MFU BA . 21.37 -21.49 19.94
O1 MFU BA . 24.52 -19.09 21.38
O2 MFU BA . 26.87 -20.25 20.49
O3 MFU BA . 26.10 -22.94 20.62
O4 MFU BA . 23.75 -22.75 18.91
O5 MFU BA . 23.28 -20.04 19.64
CM MFU BA . 23.72 -17.90 21.49
N GLY CA . 25.54 -15.51 13.31
CA GLY CA . 25.63 -14.01 13.26
C GLY CA . 24.43 -13.39 12.57
O GLY CA . 23.87 -13.96 11.63
OXT GLY CA . 23.99 -12.30 12.93
C1 MFU DA . 17.29 -33.82 28.41
C2 MFU DA . 18.20 -34.92 27.87
C3 MFU DA . 17.36 -36.04 27.25
C4 MFU DA . 16.45 -35.45 26.18
C5 MFU DA . 15.59 -34.37 26.80
C6 MFU DA . 14.63 -33.74 25.81
O1 MFU DA . 16.56 -34.34 29.53
O2 MFU DA . 19.02 -35.47 28.91
O3 MFU DA . 18.21 -37.07 26.74
O4 MFU DA . 17.23 -34.88 25.11
O5 MFU DA . 16.42 -33.35 27.36
CM MFU DA . 15.68 -33.38 30.13
C1 MFU EA . 5.83 -44.69 19.83
C2 MFU EA . 6.74 -45.65 19.05
C3 MFU EA . 6.39 -45.62 17.57
C4 MFU EA . 6.38 -44.18 17.04
C5 MFU EA . 5.42 -43.35 17.88
C6 MFU EA . 5.33 -41.90 17.42
O1 MFU EA . 4.51 -45.23 19.84
O2 MFU EA . 6.61 -46.98 19.54
O3 MFU EA . 7.31 -46.45 16.85
O4 MFU EA . 7.69 -43.60 17.10
O5 MFU EA . 5.86 -43.38 19.25
CM MFU EA . 3.60 -44.42 20.59
N GLY FA . 9.63 -42.68 26.15
CA GLY FA . 8.88 -42.85 27.43
C GLY FA . 8.64 -41.53 28.13
O GLY FA . 9.40 -40.55 27.98
OXT GLY FA . 7.67 -41.38 28.88
C1 MFU GA . 2.63 -42.60 2.12
C2 MFU GA . 3.94 -43.11 1.51
C3 MFU GA . 4.54 -42.06 0.57
C4 MFU GA . 4.72 -40.75 1.32
C5 MFU GA . 3.35 -40.33 1.86
C6 MFU GA . 3.44 -39.00 2.59
O1 MFU GA . 1.66 -42.50 1.07
O2 MFU GA . 3.71 -44.33 0.80
O3 MFU GA . 5.77 -42.55 0.03
O4 MFU GA . 5.62 -40.86 2.42
O5 MFU GA . 2.86 -41.33 2.75
CM MFU GA . 0.37 -42.07 1.53
C1 MFU HA . 10.09 -28.22 -7.01
C2 MFU HA . 11.48 -28.82 -7.16
C3 MFU HA . 12.51 -27.89 -6.53
C4 MFU HA . 12.16 -27.65 -5.07
C5 MFU HA . 10.74 -27.10 -4.98
C6 MFU HA . 10.32 -26.87 -3.54
O1 MFU HA . 10.03 -26.99 -7.73
O2 MFU HA . 11.81 -29.03 -8.53
O3 MFU HA . 13.81 -28.48 -6.67
O4 MFU HA . 12.24 -28.87 -4.31
O5 MFU HA . 9.82 -28.01 -5.62
CM MFU HA . 8.75 -26.37 -7.75
N GLY IA . 5.73 -35.28 -6.91
CA GLY IA . 4.55 -35.11 -7.81
C GLY IA . 3.24 -35.23 -7.06
O GLY IA . 3.19 -35.74 -5.94
OXT GLY IA . 2.20 -34.80 -7.57
#